data_5C0O
#
_entry.id   5C0O
#
_cell.length_a   76.540
_cell.length_b   79.860
_cell.length_c   184.000
_cell.angle_alpha   90.000
_cell.angle_beta   90.000
_cell.angle_gamma   90.000
#
_symmetry.space_group_name_H-M   'P 21 21 21'
#
loop_
_entity.id
_entity.type
_entity.pdbx_description
1 polymer 'tRNA (adenine(58)-N(1))-methyltransferase TrmI'
2 non-polymer S-ADENOSYLMETHIONINE
3 non-polymer 'SULFATE ION'
4 water water
#
_entity_poly.entity_id   1
_entity_poly.type   'polypeptide(L)'
_entity_poly.pdbx_seq_one_letter_code
;MAWPGPLLLKDRKGRAYLVFPKEGGVFHHHKGSVPHEALLEAGPGGVVRTHLGEELSVHRPTLEEYLLHMKRSATPTAPK
DASAMVTLLDLAPGMRVLEAGTGSGGLTLFLARAVGEKGLVESYEARPHHLAQAERNVRAFWQVENVRFHLGKLEEAELE
EAAYDGVALDLMEPWKVLEKAALALKPDRFLVAYLPNITQVLELVRAAEAHPFRLERVLEVGWREWEVRLPVAHPRFQQV
GHTAFLVALRRWKAS
;
_entity_poly.pdbx_strand_id   E,F,G,H
#
loop_
_chem_comp.id
_chem_comp.type
_chem_comp.name
_chem_comp.formula
SAM non-polymer S-ADENOSYLMETHIONINE 'C15 H22 N6 O5 S'
SO4 non-polymer 'SULFATE ION' 'O4 S -2'
#
# COMPACT_ATOMS: atom_id res chain seq x y z
N GLY A 5 4.89 14.06 34.27
CA GLY A 5 4.28 13.76 32.94
C GLY A 5 3.79 12.31 32.88
N PRO A 6 2.88 12.01 31.95
CA PRO A 6 2.30 10.66 31.83
C PRO A 6 3.32 9.57 31.53
N LEU A 7 2.89 8.33 31.70
CA LEU A 7 3.72 7.15 31.52
C LEU A 7 3.01 6.13 30.63
N LEU A 8 3.79 5.27 29.97
CA LEU A 8 3.25 4.23 29.12
C LEU A 8 3.81 2.87 29.53
N LEU A 9 2.91 1.91 29.77
CA LEU A 9 3.29 0.57 30.21
C LEU A 9 2.91 -0.49 29.20
N LYS A 10 3.82 -1.44 28.96
CA LYS A 10 3.60 -2.50 27.99
C LYS A 10 3.97 -3.87 28.57
N ASP A 11 3.22 -4.90 28.16
CA ASP A 11 3.45 -6.26 28.64
C ASP A 11 4.12 -7.12 27.57
N ARG A 12 4.17 -8.43 27.81
CA ARG A 12 4.82 -9.36 26.89
C ARG A 12 4.06 -9.55 25.59
N LYS A 13 2.81 -9.07 25.56
CA LYS A 13 1.97 -9.17 24.37
C LYS A 13 2.03 -7.91 23.52
N GLY A 14 2.70 -6.88 24.04
CA GLY A 14 2.83 -5.62 23.33
C GLY A 14 1.66 -4.69 23.60
N ARG A 15 0.66 -5.16 24.33
CA ARG A 15 -0.48 -4.34 24.70
C ARG A 15 0.00 -3.22 25.61
N ALA A 16 -0.51 -2.00 25.38
CA ALA A 16 0.00 -0.82 26.07
C ALA A 16 -1.06 -0.14 26.93
N TYR A 17 -0.61 0.46 28.02
CA TYR A 17 -1.49 1.13 28.98
C TYR A 17 -0.90 2.49 29.34
N LEU A 18 -1.73 3.52 29.27
CA LEU A 18 -1.29 4.91 29.48
C LEU A 18 -1.69 5.40 30.87
N VAL A 19 -0.70 5.79 31.66
CA VAL A 19 -0.89 6.05 33.09
C VAL A 19 -0.54 7.50 33.47
N PHE A 20 -1.40 8.09 34.29
CA PHE A 20 -1.11 9.38 34.91
C PHE A 20 -0.52 9.13 36.30
N PRO A 21 0.81 9.30 36.45
CA PRO A 21 1.40 8.92 37.74
C PRO A 21 0.95 9.80 38.90
N LYS A 22 0.92 9.21 40.08
CA LYS A 22 0.51 9.88 41.30
C LYS A 22 1.09 9.13 42.49
N GLU A 23 1.18 9.78 43.64
CA GLU A 23 1.60 9.10 44.86
C GLU A 23 0.41 8.39 45.48
N GLY A 24 0.54 7.07 45.62
CA GLY A 24 -0.56 6.25 46.10
C GLY A 24 -1.37 5.69 44.95
N GLY A 25 -0.97 6.04 43.73
CA GLY A 25 -1.65 5.54 42.55
C GLY A 25 -1.45 4.05 42.41
N VAL A 26 -2.50 3.37 41.94
CA VAL A 26 -2.53 1.92 41.86
C VAL A 26 -2.81 1.44 40.43
N PHE A 27 -1.85 0.72 39.86
CA PHE A 27 -2.00 0.18 38.51
C PHE A 27 -2.34 -1.31 38.56
N VAL A 34 0.25 -3.30 40.30
CA VAL A 34 1.54 -2.62 40.45
C VAL A 34 1.32 -1.18 40.94
N PRO A 35 2.12 -0.72 41.91
CA PRO A 35 1.92 0.64 42.41
C PRO A 35 2.59 1.69 41.53
N HIS A 36 2.24 2.96 41.72
CA HIS A 36 2.68 4.03 40.83
C HIS A 36 4.12 4.49 41.07
N GLU A 37 4.43 4.92 42.29
CA GLU A 37 5.78 5.40 42.57
C GLU A 37 6.81 4.29 42.41
N ALA A 38 6.34 3.05 42.29
CA ALA A 38 7.19 1.92 41.96
C ALA A 38 7.61 1.97 40.50
N LEU A 39 6.74 2.54 39.65
CA LEU A 39 7.07 2.75 38.25
C LEU A 39 8.07 3.88 38.10
N LEU A 40 7.83 4.95 38.85
CA LEU A 40 8.70 6.14 38.80
C LEU A 40 10.12 5.76 39.16
N GLU A 41 10.28 4.97 40.21
CA GLU A 41 11.61 4.61 40.71
C GLU A 41 12.34 3.75 39.68
N ALA A 42 11.59 2.98 38.91
CA ALA A 42 12.16 2.28 37.76
C ALA A 42 12.34 3.28 36.64
N GLY A 43 11.25 3.90 36.20
CA GLY A 43 11.33 5.00 35.26
C GLY A 43 11.47 4.58 33.81
N PRO A 44 11.27 5.52 32.87
CA PRO A 44 11.33 5.29 31.42
C PRO A 44 12.51 4.42 31.00
N GLY A 45 12.21 3.34 30.28
CA GLY A 45 13.22 2.37 29.89
C GLY A 45 13.37 1.29 30.95
N GLY A 46 12.90 1.60 32.16
CA GLY A 46 12.96 0.67 33.27
C GLY A 46 12.00 -0.49 33.09
N VAL A 47 11.93 -1.34 34.11
CA VAL A 47 11.06 -2.50 34.07
C VAL A 47 10.60 -2.84 35.49
N VAL A 48 9.35 -3.27 35.63
CA VAL A 48 8.79 -3.64 36.92
C VAL A 48 8.12 -5.01 36.86
N GLU A 55 6.50 -9.36 33.48
CA GLU A 55 7.45 -8.30 33.20
C GLU A 55 6.79 -7.15 32.44
N LEU A 56 6.80 -5.98 33.06
CA LEU A 56 6.16 -4.79 32.51
C LEU A 56 7.18 -3.66 32.35
N SER A 57 7.21 -3.05 31.16
CA SER A 57 8.19 -2.01 30.86
C SER A 57 7.54 -0.63 30.80
N VAL A 58 8.25 0.36 31.33
CA VAL A 58 7.72 1.69 31.56
C VAL A 58 8.41 2.73 30.65
N HIS A 59 7.62 3.67 30.14
CA HIS A 59 8.10 4.59 29.11
C HIS A 59 7.59 6.03 29.25
N ARG A 60 8.36 6.96 28.70
CA ARG A 60 7.86 8.30 28.39
C ARG A 60 7.17 8.19 27.04
N PRO A 61 5.83 8.35 27.01
CA PRO A 61 5.13 8.07 25.75
C PRO A 61 5.50 9.02 24.62
N THR A 62 5.58 8.49 23.41
CA THR A 62 5.78 9.32 22.24
C THR A 62 4.46 9.99 21.87
N LEU A 63 4.56 11.08 21.12
CA LEU A 63 3.39 11.78 20.60
C LEU A 63 2.49 10.80 19.84
N GLU A 64 3.10 9.81 19.20
CA GLU A 64 2.37 8.75 18.52
C GLU A 64 1.62 7.86 19.52
N GLU A 65 2.36 7.33 20.49
CA GLU A 65 1.78 6.45 21.50
C GLU A 65 0.66 7.15 22.26
N TYR A 66 0.83 8.44 22.49
CA TYR A 66 -0.17 9.24 23.20
C TYR A 66 -1.49 9.23 22.44
N LEU A 67 -1.45 9.73 21.20
CA LEU A 67 -2.65 9.81 20.36
C LEU A 67 -3.42 8.50 20.28
N LEU A 68 -2.68 7.40 20.19
CA LEU A 68 -3.29 6.08 20.01
C LEU A 68 -3.90 5.53 21.30
N HIS A 69 -3.71 6.24 22.42
CA HIS A 69 -4.25 5.79 23.70
C HIS A 69 -4.80 6.91 24.56
N MET A 70 -4.61 8.16 24.14
CA MET A 70 -5.14 9.28 24.90
C MET A 70 -6.66 9.26 24.81
N LYS A 71 -7.32 9.52 25.93
CA LYS A 71 -8.78 9.53 26.01
C LYS A 71 -9.39 10.37 24.90
N ARG A 72 -10.31 9.77 24.14
CA ARG A 72 -10.89 10.43 22.97
C ARG A 72 -12.41 10.54 23.03
N SER A 73 -12.89 11.73 22.68
CA SER A 73 -14.31 11.95 22.43
C SER A 73 -14.55 11.67 20.96
N ALA A 74 -14.23 12.63 20.11
CA ALA A 74 -14.19 12.43 18.67
C ALA A 74 -12.89 11.73 18.31
N THR A 75 -12.85 11.09 17.15
CA THR A 75 -11.69 10.33 16.75
C THR A 75 -10.52 11.24 16.35
N PRO A 76 -9.36 11.09 17.02
CA PRO A 76 -8.18 11.88 16.65
C PRO A 76 -7.58 11.50 15.31
N THR A 77 -6.83 12.41 14.72
CA THR A 77 -6.17 12.19 13.44
C THR A 77 -5.05 11.18 13.62
N ALA A 78 -4.89 10.27 12.65
CA ALA A 78 -3.90 9.20 12.78
C ALA A 78 -2.47 9.78 12.74
N PRO A 79 -1.56 9.20 13.54
CA PRO A 79 -0.19 9.74 13.62
C PRO A 79 0.53 9.80 12.28
N LYS A 80 0.31 8.81 11.42
CA LYS A 80 0.99 8.78 10.13
C LYS A 80 0.54 9.94 9.25
N ASP A 81 -0.74 10.30 9.37
CA ASP A 81 -1.32 11.35 8.56
C ASP A 81 -0.98 12.72 9.13
N ALA A 82 -1.12 12.86 10.45
CA ALA A 82 -0.79 14.11 11.13
C ALA A 82 0.67 14.47 10.88
N SER A 83 1.52 13.46 10.90
CA SER A 83 2.95 13.63 10.62
C SER A 83 3.15 14.22 9.23
N ALA A 84 2.45 13.67 8.26
CA ALA A 84 2.60 14.08 6.87
C ALA A 84 1.98 15.46 6.62
N MET A 85 0.92 15.77 7.36
CA MET A 85 0.21 17.04 7.19
C MET A 85 1.10 18.22 7.57
N VAL A 86 1.90 18.04 8.60
CA VAL A 86 2.82 19.07 9.06
C VAL A 86 3.87 19.36 7.98
N THR A 87 4.26 18.32 7.27
CA THR A 87 5.26 18.47 6.21
C THR A 87 4.65 19.13 4.98
N LEU A 88 3.40 18.83 4.70
CA LEU A 88 2.70 19.39 3.55
C LEU A 88 2.37 20.87 3.79
N LEU A 89 2.14 21.21 5.05
CA LEU A 89 1.89 22.59 5.43
C LEU A 89 3.19 23.39 5.51
N ASP A 90 4.31 22.68 5.43
CA ASP A 90 5.64 23.30 5.47
C ASP A 90 5.79 24.23 6.67
N LEU A 91 5.42 23.73 7.85
CA LEU A 91 5.43 24.57 9.04
C LEU A 91 6.80 24.56 9.72
N ALA A 92 7.44 25.73 9.74
CA ALA A 92 8.66 25.94 10.50
C ALA A 92 8.32 26.68 11.79
N PRO A 93 9.23 26.65 12.78
CA PRO A 93 8.95 27.33 14.04
C PRO A 93 8.63 28.82 13.87
N GLY A 94 7.65 29.31 14.62
CA GLY A 94 7.27 30.71 14.58
C GLY A 94 6.11 30.97 13.65
N MET A 95 5.69 29.96 12.89
CA MET A 95 4.58 30.12 11.98
C MET A 95 3.25 30.11 12.72
N ARG A 96 2.24 30.73 12.11
CA ARG A 96 0.90 30.83 12.68
C ARG A 96 -0.06 29.99 11.86
N VAL A 97 -0.49 28.86 12.41
CA VAL A 97 -1.30 27.91 11.65
C VAL A 97 -2.73 27.83 12.21
N LEU A 98 -3.69 27.72 11.28
CA LEU A 98 -5.11 27.64 11.63
C LEU A 98 -5.55 26.18 11.65
N GLU A 99 -6.45 25.83 12.57
CA GLU A 99 -6.94 24.45 12.65
C GLU A 99 -8.45 24.36 12.90
N ALA A 100 -9.06 23.34 12.30
CA ALA A 100 -10.42 22.93 12.63
C ALA A 100 -10.67 21.52 12.07
N GLY A 101 -11.25 20.60 12.84
CA GLY A 101 -11.69 20.81 14.22
C GLY A 101 -10.72 20.18 15.20
N THR A 102 -10.74 20.65 16.45
CA THR A 102 -9.80 20.18 17.46
C THR A 102 -10.06 18.72 17.82
N GLY A 103 -11.32 18.29 17.74
CA GLY A 103 -11.69 16.91 17.99
C GLY A 103 -11.30 16.45 19.39
N SER A 104 -10.27 15.62 19.47
CA SER A 104 -9.69 15.21 20.74
C SER A 104 -8.26 15.73 20.87
N GLY A 105 -7.90 16.66 20.00
CA GLY A 105 -6.66 17.42 20.14
C GLY A 105 -5.39 16.76 19.62
N GLY A 106 -5.53 15.72 18.81
CA GLY A 106 -4.37 14.98 18.33
C GLY A 106 -3.52 15.76 17.33
N LEU A 107 -4.13 16.19 16.24
CA LEU A 107 -3.43 16.94 15.21
C LEU A 107 -2.88 18.25 15.80
N THR A 108 -3.57 18.76 16.80
CA THR A 108 -3.17 19.98 17.49
C THR A 108 -1.77 19.85 18.09
N LEU A 109 -1.49 18.71 18.71
CA LEU A 109 -0.20 18.47 19.34
C LEU A 109 0.93 18.43 18.32
N PHE A 110 0.69 17.76 17.20
CA PHE A 110 1.65 17.75 16.09
C PHE A 110 1.92 19.16 15.61
N LEU A 111 0.86 19.94 15.48
CA LEU A 111 0.97 21.31 14.99
C LEU A 111 1.71 22.20 15.98
N ALA A 112 1.45 21.99 17.26
CA ALA A 112 2.05 22.81 18.31
C ALA A 112 3.57 22.64 18.37
N ARG A 113 4.01 21.39 18.24
CA ARG A 113 5.43 21.09 18.19
C ARG A 113 6.11 21.81 17.04
N ALA A 114 5.49 21.74 15.87
CA ALA A 114 6.10 22.21 14.63
C ALA A 114 6.35 23.71 14.64
N VAL A 115 5.42 24.48 15.22
CA VAL A 115 5.54 25.93 15.22
C VAL A 115 6.27 26.46 16.46
N GLY A 116 6.40 25.60 17.47
CA GLY A 116 7.20 25.93 18.64
C GLY A 116 6.59 26.98 19.54
N GLU A 117 7.39 27.46 20.50
CA GLU A 117 6.93 28.43 21.49
C GLU A 117 6.70 29.81 20.89
N LYS A 118 7.56 30.21 19.95
CA LYS A 118 7.41 31.52 19.30
C LYS A 118 6.24 31.55 18.32
N GLY A 119 5.81 30.36 17.88
CA GLY A 119 4.73 30.25 16.92
C GLY A 119 3.37 30.21 17.59
N LEU A 120 2.35 29.82 16.83
CA LEU A 120 1.02 29.66 17.41
C LEU A 120 0.11 28.72 16.60
N VAL A 121 -0.78 28.05 17.31
CA VAL A 121 -1.81 27.20 16.73
C VAL A 121 -3.19 27.74 17.07
N GLU A 122 -3.86 28.29 16.07
CA GLU A 122 -5.19 28.89 16.25
C GLU A 122 -6.27 27.88 15.86
N SER A 123 -6.83 27.19 16.86
CA SER A 123 -7.69 26.02 16.62
C SER A 123 -9.13 26.23 17.06
N TYR A 124 -10.06 25.80 16.20
CA TYR A 124 -11.49 25.96 16.45
C TYR A 124 -12.21 24.61 16.56
N GLU A 125 -13.12 24.51 17.54
CA GLU A 125 -13.98 23.34 17.70
C GLU A 125 -15.41 23.81 17.95
N ALA A 126 -16.37 23.14 17.31
CA ALA A 126 -17.75 23.61 17.34
C ALA A 126 -18.62 22.89 18.36
N ARG A 127 -18.04 21.93 19.07
CA ARG A 127 -18.76 21.16 20.09
C ARG A 127 -18.10 21.31 21.46
N PRO A 128 -18.82 21.90 22.45
CA PRO A 128 -18.21 22.15 23.76
C PRO A 128 -17.77 20.88 24.48
N HIS A 129 -18.47 19.77 24.24
CA HIS A 129 -18.13 18.50 24.87
C HIS A 129 -16.78 18.00 24.36
N HIS A 130 -16.62 17.99 23.04
CA HIS A 130 -15.37 17.55 22.41
C HIS A 130 -14.19 18.40 22.86
N LEU A 131 -14.42 19.71 22.93
CA LEU A 131 -13.35 20.68 23.15
C LEU A 131 -12.65 20.50 24.49
N ALA A 132 -13.42 20.24 25.55
CA ALA A 132 -12.83 20.05 26.87
C ALA A 132 -11.79 18.93 26.83
N GLN A 133 -12.21 17.76 26.37
CA GLN A 133 -11.32 16.60 26.27
C GLN A 133 -10.12 16.90 25.38
N ALA A 134 -10.35 17.69 24.34
CA ALA A 134 -9.26 18.12 23.47
C ALA A 134 -8.25 18.92 24.28
N GLU A 135 -8.75 19.87 25.06
CA GLU A 135 -7.91 20.70 25.89
C GLU A 135 -7.32 19.91 27.06
N ARG A 136 -8.13 19.06 27.69
CA ARG A 136 -7.65 18.24 28.80
C ARG A 136 -6.46 17.39 28.36
N ASN A 137 -6.52 16.90 27.11
CA ASN A 137 -5.47 16.03 26.59
C ASN A 137 -4.20 16.77 26.19
N VAL A 138 -4.36 17.94 25.57
CA VAL A 138 -3.21 18.73 25.14
C VAL A 138 -2.35 19.11 26.34
N ARG A 139 -2.99 19.56 27.40
CA ARG A 139 -2.28 20.14 28.53
C ARG A 139 -1.59 19.12 29.40
N ALA A 140 -2.09 17.90 29.41
CA ALA A 140 -1.44 16.82 30.16
C ALA A 140 -0.20 16.30 29.42
N PHE A 141 0.00 16.79 28.19
CA PHE A 141 1.12 16.35 27.36
C PHE A 141 1.97 17.53 26.90
N TRP A 142 1.31 18.65 26.66
CA TRP A 142 1.95 19.83 26.09
C TRP A 142 1.83 20.99 27.08
N GLN A 143 2.94 21.33 27.71
CA GLN A 143 2.96 22.38 28.74
C GLN A 143 3.18 23.75 28.10
N VAL A 144 3.71 23.75 26.89
CA VAL A 144 3.95 24.99 26.16
C VAL A 144 2.62 25.59 25.78
N GLU A 145 2.45 26.88 26.07
CA GLU A 145 1.17 27.55 25.86
C GLU A 145 1.19 28.33 24.55
N ASN A 146 1.28 27.58 23.45
CA ASN A 146 1.33 28.17 22.11
C ASN A 146 0.09 27.82 21.29
N VAL A 147 -0.95 27.35 21.97
CA VAL A 147 -2.20 27.00 21.32
C VAL A 147 -3.34 27.86 21.84
N ARG A 148 -4.05 28.51 20.92
CA ARG A 148 -5.25 29.27 21.26
C ARG A 148 -6.50 28.52 20.83
N PHE A 149 -7.18 27.89 21.79
CA PHE A 149 -8.42 27.18 21.49
C PHE A 149 -9.55 28.17 21.28
N HIS A 150 -10.44 27.83 20.35
CA HIS A 150 -11.63 28.64 20.08
C HIS A 150 -12.86 27.76 19.96
N LEU A 151 -13.99 28.23 20.48
CA LEU A 151 -15.26 27.52 20.36
C LEU A 151 -16.02 27.99 19.14
N GLY A 152 -16.64 27.05 18.43
CA GLY A 152 -17.56 27.37 17.37
C GLY A 152 -17.07 27.03 15.97
N LYS A 153 -17.96 27.20 14.99
CA LYS A 153 -17.64 26.92 13.60
C LYS A 153 -16.56 27.84 13.09
N LEU A 154 -15.68 27.30 12.24
CA LEU A 154 -14.64 28.10 11.63
C LEU A 154 -15.29 29.06 10.63
N GLU A 155 -16.45 28.67 10.10
CA GLU A 155 -17.16 29.46 9.09
C GLU A 155 -17.70 30.79 9.60
N GLU A 156 -17.77 30.94 10.92
CA GLU A 156 -18.36 32.13 11.53
C GLU A 156 -17.34 32.94 12.33
N ALA A 157 -16.11 32.43 12.42
CA ALA A 157 -15.08 33.07 13.23
C ALA A 157 -14.46 34.28 12.52
N GLU A 158 -14.01 35.24 13.32
CA GLU A 158 -13.43 36.48 12.82
C GLU A 158 -11.91 36.39 12.73
N LEU A 159 -11.37 36.60 11.54
CA LEU A 159 -9.93 36.45 11.30
C LEU A 159 -9.31 37.60 10.53
N GLU A 160 -8.03 37.85 10.80
CA GLU A 160 -7.24 38.81 10.04
C GLU A 160 -6.89 38.21 8.67
N GLU A 161 -7.09 38.99 7.62
CA GLU A 161 -6.82 38.55 6.25
C GLU A 161 -5.32 38.41 5.99
N ALA A 162 -4.95 37.30 5.35
CA ALA A 162 -3.54 37.00 5.02
C ALA A 162 -2.63 37.12 6.25
N ALA A 163 -3.04 36.49 7.35
CA ALA A 163 -2.28 36.54 8.59
C ALA A 163 -2.00 35.14 9.14
N TYR A 164 -2.19 34.12 8.30
CA TYR A 164 -1.96 32.74 8.71
C TYR A 164 -1.07 32.00 7.73
N ASP A 165 -0.13 31.25 8.29
CA ASP A 165 0.85 30.55 7.48
C ASP A 165 0.27 29.26 6.91
N GLY A 166 -0.75 28.70 7.56
CA GLY A 166 -1.33 27.46 7.10
C GLY A 166 -2.72 27.22 7.67
N VAL A 167 -3.48 26.38 6.98
CA VAL A 167 -4.79 25.96 7.49
C VAL A 167 -4.86 24.44 7.46
N ALA A 168 -4.85 23.83 8.65
CA ALA A 168 -4.94 22.39 8.78
C ALA A 168 -6.39 22.00 9.05
N LEU A 169 -6.95 21.15 8.19
CA LEU A 169 -8.35 20.78 8.28
C LEU A 169 -8.57 19.30 8.54
N ASP A 170 -9.45 19.01 9.50
CA ASP A 170 -9.98 17.67 9.69
C ASP A 170 -11.45 17.79 10.09
N LEU A 171 -12.31 17.86 9.08
CA LEU A 171 -13.75 17.88 9.30
C LEU A 171 -14.46 17.26 8.09
N MET A 172 -15.75 17.02 8.22
CA MET A 172 -16.51 16.30 7.21
C MET A 172 -16.82 17.15 5.98
N GLU A 173 -16.94 18.46 6.17
CA GLU A 173 -17.34 19.37 5.11
C GLU A 173 -16.36 20.54 4.96
N PRO A 174 -15.11 20.27 4.56
CA PRO A 174 -14.08 21.29 4.38
C PRO A 174 -14.42 22.35 3.33
N TRP A 175 -15.38 22.06 2.47
CA TRP A 175 -15.69 22.97 1.36
C TRP A 175 -16.41 24.24 1.83
N LYS A 176 -17.01 24.20 3.01
CA LYS A 176 -17.78 25.33 3.53
C LYS A 176 -16.91 26.37 4.22
N VAL A 177 -15.64 26.02 4.45
CA VAL A 177 -14.71 26.89 5.17
C VAL A 177 -13.67 27.44 4.19
N LEU A 178 -13.83 27.10 2.91
CA LEU A 178 -12.88 27.51 1.87
C LEU A 178 -12.78 29.03 1.71
N GLU A 179 -13.90 29.74 1.86
CA GLU A 179 -13.91 31.19 1.64
C GLU A 179 -13.15 31.91 2.75
N LYS A 180 -13.29 31.41 3.97
CA LYS A 180 -12.66 32.03 5.12
C LYS A 180 -11.21 31.59 5.23
N ALA A 181 -10.91 30.41 4.70
CA ALA A 181 -9.54 29.92 4.66
C ALA A 181 -8.75 30.69 3.60
N ALA A 182 -9.36 30.88 2.44
CA ALA A 182 -8.74 31.64 1.36
C ALA A 182 -8.39 33.04 1.82
N LEU A 183 -9.19 33.54 2.75
CA LEU A 183 -9.02 34.88 3.30
C LEU A 183 -7.88 34.90 4.31
N ALA A 184 -8.00 34.08 5.34
CA ALA A 184 -7.05 34.03 6.43
C ALA A 184 -5.65 33.64 5.97
N LEU A 185 -5.57 32.89 4.87
CA LEU A 185 -4.31 32.33 4.42
C LEU A 185 -3.47 33.34 3.66
N LYS A 186 -2.16 33.28 3.89
CA LYS A 186 -1.21 34.11 3.15
C LYS A 186 -1.11 33.68 1.71
N PRO A 187 -0.63 34.56 0.82
CA PRO A 187 -0.32 34.15 -0.54
C PRO A 187 0.70 33.00 -0.56
N ASP A 188 0.42 31.99 -1.38
CA ASP A 188 1.37 30.90 -1.64
C ASP A 188 1.45 29.87 -0.52
N ARG A 189 0.57 29.97 0.47
CA ARG A 189 0.57 29.02 1.58
C ARG A 189 -0.48 27.96 1.36
N PHE A 190 -0.42 26.91 2.18
CA PHE A 190 -1.14 25.67 1.93
C PHE A 190 -2.32 25.44 2.85
N LEU A 191 -3.31 24.75 2.30
CA LEU A 191 -4.41 24.19 3.06
C LEU A 191 -4.39 22.70 2.83
N VAL A 192 -4.21 21.92 3.90
CA VAL A 192 -4.28 20.47 3.79
C VAL A 192 -5.50 19.98 4.58
N ALA A 193 -6.29 19.11 3.94
CA ALA A 193 -7.50 18.58 4.56
C ALA A 193 -7.46 17.05 4.64
N TYR A 194 -7.95 16.55 5.76
CA TYR A 194 -7.95 15.12 6.08
C TYR A 194 -9.33 14.54 5.78
N LEU A 195 -9.41 13.72 4.72
CA LEU A 195 -10.71 13.23 4.22
C LEU A 195 -10.73 11.72 3.93
N PRO A 196 -11.63 10.97 4.59
CA PRO A 196 -11.65 9.51 4.45
C PRO A 196 -12.16 8.99 3.10
N ASN A 197 -13.25 9.55 2.61
CA ASN A 197 -13.85 9.08 1.36
C ASN A 197 -13.31 9.82 0.15
N ILE A 198 -13.05 9.07 -0.92
CA ILE A 198 -12.56 9.67 -2.16
C ILE A 198 -13.61 10.59 -2.75
N THR A 199 -14.86 10.38 -2.38
CA THR A 199 -15.95 11.21 -2.88
C THR A 199 -15.90 12.59 -2.25
N GLN A 200 -15.48 12.65 -0.99
CA GLN A 200 -15.34 13.92 -0.29
C GLN A 200 -14.15 14.70 -0.87
N VAL A 201 -13.14 13.96 -1.35
CA VAL A 201 -11.99 14.55 -2.00
C VAL A 201 -12.41 15.26 -3.29
N LEU A 202 -13.18 14.55 -4.11
CA LEU A 202 -13.60 15.10 -5.40
C LEU A 202 -14.52 16.31 -5.21
N GLU A 203 -15.34 16.27 -4.18
CA GLU A 203 -16.25 17.38 -3.91
C GLU A 203 -15.48 18.63 -3.52
N LEU A 204 -14.56 18.48 -2.58
CA LEU A 204 -13.70 19.56 -2.13
C LEU A 204 -12.87 20.13 -3.27
N VAL A 205 -12.50 19.26 -4.20
CA VAL A 205 -11.62 19.64 -5.31
C VAL A 205 -12.42 20.41 -6.37
N ARG A 206 -13.69 20.04 -6.55
CA ARG A 206 -14.56 20.75 -7.47
C ARG A 206 -14.91 22.12 -6.90
N ALA A 207 -14.99 22.19 -5.58
CA ALA A 207 -15.32 23.44 -4.89
C ALA A 207 -14.13 24.39 -4.84
N ALA A 208 -12.92 23.83 -4.83
CA ALA A 208 -11.70 24.63 -4.75
C ALA A 208 -11.53 25.48 -6.00
N GLU A 209 -12.16 25.06 -7.09
CA GLU A 209 -12.13 25.80 -8.35
C GLU A 209 -12.71 27.20 -8.20
N ALA A 210 -13.55 27.39 -7.17
CA ALA A 210 -14.28 28.64 -7.01
C ALA A 210 -13.63 29.57 -5.99
N HIS A 211 -12.39 29.29 -5.64
CA HIS A 211 -11.61 30.14 -4.74
C HIS A 211 -10.19 30.24 -5.28
N PRO A 212 -9.39 31.20 -4.79
CA PRO A 212 -8.04 31.32 -5.33
C PRO A 212 -7.12 30.19 -4.83
N PHE A 213 -7.45 28.96 -5.23
CA PHE A 213 -6.68 27.78 -4.84
C PHE A 213 -6.27 26.96 -6.06
N ARG A 214 -4.98 26.66 -6.12
CA ARG A 214 -4.43 25.73 -7.10
C ARG A 214 -4.23 24.39 -6.40
N LEU A 215 -4.91 23.36 -6.86
CA LEU A 215 -4.82 22.04 -6.25
C LEU A 215 -3.45 21.40 -6.47
N GLU A 216 -2.78 21.06 -5.36
CA GLU A 216 -1.42 20.56 -5.42
C GLU A 216 -1.33 19.05 -5.29
N ARG A 217 -1.89 18.51 -4.20
CA ARG A 217 -1.69 17.12 -3.85
C ARG A 217 -2.97 16.42 -3.43
N VAL A 218 -3.08 15.16 -3.84
CA VAL A 218 -4.05 14.22 -3.32
C VAL A 218 -3.28 12.93 -3.11
N LEU A 219 -3.08 12.53 -1.86
CA LEU A 219 -2.22 11.39 -1.56
C LEU A 219 -2.74 10.46 -0.46
N GLU A 220 -2.29 9.22 -0.55
CA GLU A 220 -2.53 8.21 0.47
C GLU A 220 -1.24 7.94 1.21
N VAL A 221 -1.25 8.14 2.52
CA VAL A 221 -0.10 7.83 3.35
C VAL A 221 -0.22 6.41 3.86
N GLY A 222 0.90 5.68 3.83
CA GLY A 222 0.93 4.30 4.29
C GLY A 222 2.18 3.98 5.09
N TRP A 223 1.98 3.68 6.37
CA TRP A 223 3.04 3.18 7.22
C TRP A 223 2.88 1.67 7.37
N ARG A 224 3.61 0.95 6.52
CA ARG A 224 3.44 -0.49 6.37
C ARG A 224 4.45 -1.20 7.29
N GLU A 225 3.92 -1.80 8.36
CA GLU A 225 4.73 -2.39 9.42
C GLU A 225 5.16 -3.82 9.13
N TRP A 226 6.26 -4.23 9.76
CA TRP A 226 6.71 -5.62 9.74
C TRP A 226 6.70 -6.22 11.14
N GLU A 227 6.88 -7.53 11.19
CA GLU A 227 7.20 -8.21 12.42
C GLU A 227 8.57 -8.84 12.22
N VAL A 228 9.53 -8.46 13.06
CA VAL A 228 10.84 -9.11 13.05
C VAL A 228 11.11 -9.67 14.43
N ARG A 229 10.87 -10.97 14.55
CA ARG A 229 11.28 -11.74 15.71
C ARG A 229 12.17 -12.83 15.18
N LEU A 230 13.29 -12.42 14.56
CA LEU A 230 14.23 -13.33 13.89
C LEU A 230 14.32 -14.67 14.61
N PRO A 231 14.18 -15.78 13.86
CA PRO A 231 14.08 -15.94 12.40
C PRO A 231 12.76 -15.56 11.70
N VAL A 232 11.71 -15.08 12.36
CA VAL A 232 10.53 -14.62 11.64
C VAL A 232 10.75 -13.17 11.22
N ALA A 233 10.39 -12.85 9.99
CA ALA A 233 10.61 -11.53 9.42
C ALA A 233 9.64 -11.29 8.27
N HIS A 234 8.56 -10.56 8.53
CA HIS A 234 7.56 -10.32 7.49
C HIS A 234 6.68 -9.09 7.78
N PRO A 235 6.07 -8.54 6.72
CA PRO A 235 5.03 -7.51 6.89
C PRO A 235 3.89 -8.05 7.74
N ARG A 236 3.35 -7.23 8.64
CA ARG A 236 2.29 -7.69 9.54
C ARG A 236 1.08 -8.20 8.76
N PHE A 237 0.52 -9.32 9.23
CA PHE A 237 -0.64 -9.92 8.59
C PHE A 237 -1.84 -8.99 8.61
N GLN A 238 -2.26 -8.62 9.82
CA GLN A 238 -3.35 -7.68 10.00
C GLN A 238 -2.78 -6.26 10.07
N GLN A 239 -3.16 -5.44 9.11
CA GLN A 239 -2.66 -4.07 9.02
C GLN A 239 -3.80 -3.05 9.00
N VAL A 240 -3.48 -1.83 9.40
CA VAL A 240 -4.43 -0.73 9.31
C VAL A 240 -4.55 -0.36 7.84
N GLY A 241 -5.64 -0.81 7.21
CA GLY A 241 -5.79 -0.71 5.77
C GLY A 241 -5.87 0.70 5.23
N HIS A 242 -6.56 1.58 5.94
CA HIS A 242 -6.82 2.93 5.44
C HIS A 242 -7.36 3.85 6.53
N THR A 243 -7.05 5.14 6.40
CA THR A 243 -7.61 6.17 7.27
C THR A 243 -8.29 7.24 6.43
N ALA A 244 -7.48 7.96 5.66
CA ALA A 244 -7.99 9.08 4.89
C ALA A 244 -7.01 9.54 3.81
N PHE A 245 -7.53 10.31 2.87
CA PHE A 245 -6.71 10.98 1.88
C PHE A 245 -6.27 12.33 2.41
N LEU A 246 -5.13 12.81 1.94
CA LEU A 246 -4.68 14.17 2.24
C LEU A 246 -4.76 15.01 0.98
N VAL A 247 -5.50 16.11 1.05
CA VAL A 247 -5.66 17.02 -0.08
C VAL A 247 -4.98 18.35 0.22
N ALA A 248 -3.99 18.70 -0.59
CA ALA A 248 -3.25 19.95 -0.40
C ALA A 248 -3.53 20.93 -1.53
N LEU A 249 -3.93 22.15 -1.15
CA LEU A 249 -4.11 23.24 -2.11
C LEU A 249 -3.31 24.46 -1.67
N ARG A 250 -2.67 25.12 -2.64
CA ARG A 250 -1.88 26.32 -2.37
C ARG A 250 -2.67 27.58 -2.72
N ARG A 251 -2.63 28.56 -1.83
CA ARG A 251 -3.27 29.86 -2.07
C ARG A 251 -2.52 30.66 -3.13
N TRP A 252 -3.24 31.25 -4.07
CA TRP A 252 -2.62 32.11 -5.07
C TRP A 252 -2.10 33.40 -4.44
N LYS A 253 -1.64 34.29 -5.31
CA LYS A 253 -1.45 35.68 -4.95
C LYS A 253 -2.59 36.48 -5.56
N ALA A 254 -3.52 36.93 -4.73
CA ALA A 254 -4.71 37.62 -5.22
C ALA A 254 -5.95 36.74 -5.11
N PRO B 6 -22.58 -26.93 -4.68
CA PRO B 6 -23.00 -26.52 -3.33
C PRO B 6 -23.53 -25.10 -3.29
N LEU B 7 -23.80 -24.59 -2.10
CA LEU B 7 -24.37 -23.26 -1.96
C LEU B 7 -23.73 -22.48 -0.81
N LEU B 8 -23.66 -21.16 -0.98
CA LEU B 8 -23.13 -20.27 0.04
C LEU B 8 -24.23 -19.35 0.56
N LEU B 9 -24.45 -19.38 1.86
CA LEU B 9 -25.48 -18.56 2.50
C LEU B 9 -24.85 -17.41 3.26
N LYS B 10 -25.20 -16.18 2.89
CA LYS B 10 -24.60 -14.97 3.49
C LYS B 10 -25.66 -14.12 4.19
N ASP B 11 -25.27 -13.47 5.27
CA ASP B 11 -26.17 -12.60 6.02
C ASP B 11 -25.87 -11.13 5.75
N ARG B 12 -26.47 -10.24 6.56
CA ARG B 12 -26.27 -8.80 6.41
C ARG B 12 -24.83 -8.41 6.67
N LYS B 13 -24.26 -8.93 7.75
CA LYS B 13 -22.89 -8.62 8.15
C LYS B 13 -21.89 -9.05 7.08
N GLY B 14 -22.22 -10.16 6.40
CA GLY B 14 -21.36 -10.71 5.38
C GLY B 14 -20.82 -12.08 5.76
N ARG B 15 -21.13 -12.50 6.99
CA ARG B 15 -20.79 -13.85 7.43
C ARG B 15 -21.41 -14.86 6.46
N ALA B 16 -20.61 -15.83 6.03
CA ALA B 16 -21.05 -16.78 5.00
C ALA B 16 -21.03 -18.21 5.50
N TYR B 17 -22.05 -18.97 5.11
CA TYR B 17 -22.19 -20.37 5.49
C TYR B 17 -22.21 -21.27 4.27
N LEU B 18 -21.33 -22.26 4.27
CA LEU B 18 -21.17 -23.16 3.15
C LEU B 18 -21.96 -24.44 3.39
N VAL B 19 -22.90 -24.74 2.49
CA VAL B 19 -23.83 -25.85 2.69
C VAL B 19 -23.87 -26.79 1.50
N PHE B 20 -23.84 -28.09 1.79
CA PHE B 20 -24.01 -29.14 0.80
C PHE B 20 -25.41 -29.73 0.94
N PRO B 21 -26.36 -29.32 0.08
CA PRO B 21 -27.75 -29.67 0.36
C PRO B 21 -28.10 -31.12 0.01
N LYS B 22 -28.79 -31.78 0.94
CA LYS B 22 -29.28 -33.13 0.78
C LYS B 22 -30.79 -33.10 1.05
N GLU B 23 -31.54 -33.97 0.40
CA GLU B 23 -33.00 -33.98 0.56
C GLU B 23 -33.41 -34.19 2.00
N GLY B 24 -34.37 -33.39 2.45
CA GLY B 24 -34.80 -33.40 3.84
C GLY B 24 -33.79 -32.72 4.73
N GLY B 25 -32.81 -32.05 4.11
CA GLY B 25 -31.72 -31.44 4.84
C GLY B 25 -32.12 -30.16 5.54
N VAL B 26 -31.49 -29.92 6.70
CA VAL B 26 -31.77 -28.75 7.52
C VAL B 26 -30.45 -28.05 7.88
N PHE B 27 -30.35 -26.77 7.52
CA PHE B 27 -29.17 -25.97 7.81
C PHE B 27 -29.35 -25.17 9.10
N SER B 33 -32.87 -22.86 11.48
CA SER B 33 -33.70 -23.93 10.91
C SER B 33 -34.19 -23.55 9.51
N VAL B 34 -33.44 -23.97 8.50
CA VAL B 34 -33.81 -23.74 7.11
C VAL B 34 -33.74 -25.03 6.31
N PRO B 35 -34.83 -25.37 5.59
CA PRO B 35 -34.73 -26.58 4.76
C PRO B 35 -33.96 -26.31 3.48
N HIS B 36 -33.12 -27.27 3.08
CA HIS B 36 -32.32 -27.13 1.87
C HIS B 36 -33.21 -27.04 0.64
N GLU B 37 -34.43 -27.54 0.75
CA GLU B 37 -35.40 -27.47 -0.33
C GLU B 37 -35.76 -26.01 -0.61
N ALA B 38 -35.86 -25.23 0.47
CA ALA B 38 -36.17 -23.81 0.35
C ALA B 38 -34.96 -23.05 -0.17
N LEU B 39 -33.77 -23.48 0.24
CA LEU B 39 -32.53 -22.92 -0.28
C LEU B 39 -32.44 -23.15 -1.78
N LEU B 40 -32.92 -24.31 -2.22
CA LEU B 40 -32.89 -24.68 -3.63
C LEU B 40 -34.02 -24.02 -4.42
N GLU B 41 -35.16 -23.83 -3.77
CA GLU B 41 -36.28 -23.08 -4.36
C GLU B 41 -35.78 -21.76 -4.92
N ALA B 42 -35.22 -20.95 -4.03
CA ALA B 42 -34.53 -19.74 -4.45
C ALA B 42 -33.29 -20.14 -5.25
N GLY B 43 -32.37 -20.86 -4.62
CA GLY B 43 -31.13 -21.22 -5.30
C GLY B 43 -30.27 -19.99 -5.52
N PRO B 44 -29.20 -20.13 -6.31
CA PRO B 44 -28.23 -19.05 -6.50
C PRO B 44 -28.84 -17.79 -7.12
N GLY B 45 -28.69 -16.66 -6.43
CA GLY B 45 -29.23 -15.39 -6.88
C GLY B 45 -30.52 -15.03 -6.17
N GLY B 46 -31.02 -15.93 -5.34
CA GLY B 46 -32.25 -15.73 -4.61
C GLY B 46 -32.02 -15.64 -3.11
N VAL B 47 -33.04 -15.22 -2.38
CA VAL B 47 -32.96 -15.06 -0.93
C VAL B 47 -33.94 -15.99 -0.22
N VAL B 48 -33.61 -16.32 1.02
CA VAL B 48 -34.48 -17.15 1.86
C VAL B 48 -34.57 -16.53 3.25
N ARG B 49 -35.78 -16.50 3.80
CA ARG B 49 -36.01 -15.96 5.14
C ARG B 49 -36.21 -17.08 6.15
N THR B 50 -35.47 -17.02 7.25
CA THR B 50 -35.48 -18.08 8.25
C THR B 50 -36.67 -17.95 9.19
N HIS B 51 -36.75 -18.85 10.16
CA HIS B 51 -37.83 -18.86 11.13
C HIS B 51 -37.61 -17.79 12.19
N LEU B 52 -36.36 -17.36 12.33
CA LEU B 52 -36.04 -16.19 13.15
C LEU B 52 -36.05 -14.96 12.24
N GLY B 53 -36.38 -15.18 10.97
CA GLY B 53 -36.65 -14.11 10.03
C GLY B 53 -35.43 -13.48 9.40
N GLU B 54 -34.27 -14.10 9.55
CA GLU B 54 -33.00 -13.42 9.33
C GLU B 54 -32.75 -12.89 7.92
N GLU B 55 -33.02 -13.73 6.91
CA GLU B 55 -32.64 -13.51 5.51
C GLU B 55 -31.19 -13.88 5.29
N LEU B 56 -31.00 -14.83 4.39
CA LEU B 56 -29.67 -15.23 3.96
C LEU B 56 -29.68 -15.39 2.45
N SER B 57 -28.90 -14.57 1.75
CA SER B 57 -28.82 -14.67 0.29
C SER B 57 -28.15 -15.98 -0.08
N VAL B 58 -28.71 -16.67 -1.07
CA VAL B 58 -28.23 -17.98 -1.48
C VAL B 58 -27.34 -17.82 -2.69
N HIS B 59 -26.22 -18.56 -2.70
CA HIS B 59 -25.19 -18.39 -3.71
C HIS B 59 -24.60 -19.68 -4.21
N ARG B 60 -24.16 -19.65 -5.45
CA ARG B 60 -23.33 -20.70 -6.01
C ARG B 60 -21.87 -20.26 -5.87
N PRO B 61 -21.08 -20.97 -5.05
CA PRO B 61 -19.80 -20.40 -4.65
C PRO B 61 -18.72 -20.46 -5.73
N THR B 62 -17.79 -19.51 -5.67
CA THR B 62 -16.62 -19.52 -6.54
C THR B 62 -15.51 -20.31 -5.88
N LEU B 63 -14.47 -20.62 -6.64
CA LEU B 63 -13.29 -21.26 -6.10
C LEU B 63 -12.65 -20.35 -5.06
N GLU B 64 -13.02 -19.08 -5.07
CA GLU B 64 -12.48 -18.10 -4.15
C GLU B 64 -13.16 -18.20 -2.78
N GLU B 65 -14.48 -18.36 -2.77
CA GLU B 65 -15.22 -18.34 -1.51
C GLU B 65 -15.14 -19.69 -0.83
N TYR B 66 -15.19 -20.75 -1.65
CA TYR B 66 -15.15 -22.12 -1.16
C TYR B 66 -13.86 -22.35 -0.37
N LEU B 67 -12.74 -22.01 -0.98
CA LEU B 67 -11.43 -22.07 -0.35
C LEU B 67 -11.44 -21.51 1.07
N LEU B 68 -12.16 -20.42 1.26
CA LEU B 68 -12.15 -19.68 2.50
C LEU B 68 -13.04 -20.29 3.59
N HIS B 69 -14.06 -21.03 3.18
CA HIS B 69 -15.04 -21.57 4.12
C HIS B 69 -15.06 -23.11 4.13
N MET B 70 -14.24 -23.75 3.29
CA MET B 70 -14.19 -25.21 3.28
C MET B 70 -13.47 -25.69 4.53
N LYS B 71 -13.71 -26.94 4.91
CA LYS B 71 -13.08 -27.53 6.08
C LYS B 71 -11.61 -27.87 5.81
N THR B 75 -4.38 -25.37 6.74
CA THR B 75 -4.49 -23.94 6.51
C THR B 75 -4.22 -23.63 5.04
N PRO B 76 -5.29 -23.41 4.24
CA PRO B 76 -5.21 -23.25 2.78
C PRO B 76 -4.23 -22.17 2.28
N THR B 77 -3.81 -22.28 1.03
CA THR B 77 -3.07 -21.19 0.36
C THR B 77 -4.10 -20.15 -0.04
N ALA B 78 -3.77 -18.88 0.18
CA ALA B 78 -4.75 -17.80 0.00
C ALA B 78 -5.07 -17.59 -1.48
N PRO B 79 -6.33 -17.21 -1.78
CA PRO B 79 -6.80 -17.03 -3.17
C PRO B 79 -5.97 -16.05 -4.00
N LYS B 80 -5.63 -14.90 -3.42
CA LYS B 80 -4.89 -13.87 -4.15
C LYS B 80 -3.56 -14.43 -4.65
N ASP B 81 -2.91 -15.23 -3.80
CA ASP B 81 -1.62 -15.82 -4.11
C ASP B 81 -1.77 -17.02 -5.02
N ALA B 82 -2.72 -17.91 -4.67
CA ALA B 82 -3.06 -19.06 -5.49
C ALA B 82 -3.31 -18.63 -6.93
N SER B 83 -4.09 -17.56 -7.07
CA SER B 83 -4.38 -16.98 -8.37
C SER B 83 -3.10 -16.62 -9.11
N ALA B 84 -2.24 -15.87 -8.46
CA ALA B 84 -1.01 -15.37 -9.09
C ALA B 84 -0.11 -16.49 -9.57
N MET B 85 0.03 -17.54 -8.76
CA MET B 85 0.93 -18.65 -9.06
C MET B 85 0.62 -19.31 -10.40
N VAL B 86 -0.66 -19.53 -10.67
CA VAL B 86 -1.09 -20.10 -11.95
C VAL B 86 -0.52 -19.27 -13.10
N THR B 87 -0.52 -17.95 -12.91
CA THR B 87 0.01 -17.03 -13.91
C THR B 87 1.54 -17.06 -13.89
N LEU B 88 2.12 -17.34 -12.73
CA LEU B 88 3.57 -17.42 -12.59
C LEU B 88 4.12 -18.66 -13.26
N LEU B 89 3.34 -19.73 -13.21
CA LEU B 89 3.76 -21.02 -13.75
C LEU B 89 3.46 -21.11 -15.25
N ASP B 90 2.78 -20.10 -15.76
CA ASP B 90 2.39 -20.07 -17.17
C ASP B 90 1.59 -21.32 -17.52
N LEU B 91 0.89 -21.85 -16.52
CA LEU B 91 0.11 -23.07 -16.72
C LEU B 91 -0.97 -22.84 -17.77
N ALA B 92 -0.92 -23.67 -18.81
CA ALA B 92 -1.80 -23.58 -19.96
C ALA B 92 -2.52 -24.92 -20.09
N PRO B 93 -3.40 -25.07 -21.11
CA PRO B 93 -4.16 -26.32 -21.03
C PRO B 93 -3.42 -27.54 -21.55
N GLY B 94 -3.47 -28.62 -20.77
CA GLY B 94 -2.88 -29.90 -21.15
C GLY B 94 -1.50 -30.15 -20.55
N MET B 95 -1.18 -29.41 -19.49
CA MET B 95 0.13 -29.49 -18.86
C MET B 95 0.17 -30.44 -17.67
N ARG B 96 1.37 -30.79 -17.21
CA ARG B 96 1.54 -31.59 -16.01
C ARG B 96 2.32 -30.78 -15.01
N VAL B 97 1.79 -30.65 -13.80
CA VAL B 97 2.41 -29.84 -12.75
C VAL B 97 2.55 -30.64 -11.46
N LEU B 98 3.66 -30.39 -10.78
CA LEU B 98 4.03 -31.08 -9.57
C LEU B 98 3.67 -30.18 -8.39
N GLU B 99 2.96 -30.74 -7.40
CA GLU B 99 2.49 -29.93 -6.28
C GLU B 99 2.68 -30.61 -4.93
N ALA B 100 3.03 -29.78 -3.95
CA ALA B 100 3.15 -30.23 -2.57
C ALA B 100 3.30 -28.99 -1.68
N GLY B 101 2.32 -28.66 -0.84
CA GLY B 101 1.01 -29.29 -0.84
C GLY B 101 1.02 -30.62 -0.10
N THR B 102 -0.12 -31.32 -0.08
CA THR B 102 -1.40 -30.82 -0.59
C THR B 102 -2.18 -30.16 0.55
N GLY B 103 -1.97 -30.67 1.76
CA GLY B 103 -2.49 -30.05 2.96
C GLY B 103 -4.00 -30.05 3.12
N SER B 104 -4.64 -29.01 2.58
CA SER B 104 -6.09 -28.86 2.63
C SER B 104 -6.64 -28.72 1.22
N GLY B 105 -5.74 -28.64 0.25
CA GLY B 105 -6.12 -28.35 -1.12
C GLY B 105 -6.08 -26.85 -1.37
N GLY B 106 -7.09 -26.37 -2.07
CA GLY B 106 -7.18 -24.96 -2.38
C GLY B 106 -6.36 -24.59 -3.59
N LEU B 107 -5.05 -24.73 -3.47
CA LEU B 107 -4.13 -24.41 -4.55
C LEU B 107 -4.19 -25.50 -5.63
N THR B 108 -4.58 -26.70 -5.23
CA THR B 108 -4.77 -27.79 -6.19
C THR B 108 -5.87 -27.45 -7.17
N LEU B 109 -7.00 -27.02 -6.63
CA LEU B 109 -8.17 -26.66 -7.42
C LEU B 109 -7.80 -25.59 -8.43
N PHE B 110 -7.01 -24.61 -8.00
CA PHE B 110 -6.51 -23.57 -8.87
C PHE B 110 -5.69 -24.16 -10.02
N LEU B 111 -4.89 -25.17 -9.70
CA LEU B 111 -4.04 -25.83 -10.69
C LEU B 111 -4.85 -26.78 -11.58
N ALA B 112 -5.65 -27.63 -10.95
CA ALA B 112 -6.50 -28.59 -11.65
C ALA B 112 -7.40 -27.87 -12.63
N ARG B 113 -7.85 -26.68 -12.24
CA ARG B 113 -8.69 -25.85 -13.08
C ARG B 113 -7.91 -25.34 -14.29
N ALA B 114 -6.61 -25.14 -14.10
CA ALA B 114 -5.76 -24.57 -15.14
C ALA B 114 -5.29 -25.58 -16.18
N VAL B 115 -5.24 -26.86 -15.79
CA VAL B 115 -4.75 -27.90 -16.66
C VAL B 115 -5.85 -28.61 -17.48
N GLY B 116 -7.13 -28.28 -17.24
CA GLY B 116 -8.25 -28.71 -18.12
C GLY B 116 -8.36 -30.17 -18.40
N GLU B 117 -9.28 -30.80 -17.69
CA GLU B 117 -9.68 -32.19 -17.89
C GLU B 117 -8.58 -33.12 -18.37
N LYS B 118 -8.11 -32.90 -19.60
CA LYS B 118 -7.04 -33.72 -20.18
C LYS B 118 -5.74 -33.57 -19.39
N GLY B 119 -5.31 -32.33 -19.16
CA GLY B 119 -4.08 -32.08 -18.43
C GLY B 119 -4.14 -32.67 -17.04
N LEU B 120 -2.97 -32.94 -16.48
CA LEU B 120 -2.84 -33.61 -15.19
C LEU B 120 -2.10 -32.67 -14.22
N VAL B 121 -2.41 -32.80 -12.93
CA VAL B 121 -1.66 -32.08 -11.90
C VAL B 121 -1.25 -33.10 -10.85
N GLU B 122 0.06 -33.33 -10.72
CA GLU B 122 0.55 -34.33 -9.79
C GLU B 122 0.84 -33.70 -8.43
N SER B 123 0.14 -34.20 -7.41
CA SER B 123 0.25 -33.64 -6.06
C SER B 123 0.77 -34.65 -5.05
N TYR B 124 1.74 -34.23 -4.24
CA TYR B 124 2.29 -35.04 -3.16
C TYR B 124 1.97 -34.39 -1.82
N GLU B 125 1.85 -35.20 -0.78
CA GLU B 125 1.57 -34.70 0.55
C GLU B 125 2.21 -35.57 1.62
N ALA B 126 3.19 -34.98 2.31
CA ALA B 126 4.02 -35.72 3.26
C ALA B 126 3.21 -36.27 4.43
N ARG B 127 2.35 -35.46 5.02
CA ARG B 127 1.53 -35.93 6.14
C ARG B 127 0.42 -36.83 5.61
N PRO B 128 -0.40 -37.38 6.52
CA PRO B 128 -1.49 -38.30 6.11
C PRO B 128 -2.89 -37.68 6.22
N HIS B 129 -3.25 -37.22 7.42
CA HIS B 129 -4.57 -36.66 7.65
C HIS B 129 -4.83 -35.44 6.78
N HIS B 130 -3.75 -34.81 6.35
CA HIS B 130 -3.84 -33.67 5.46
C HIS B 130 -4.48 -34.08 4.13
N LEU B 131 -3.92 -35.10 3.48
CA LEU B 131 -4.40 -35.48 2.15
C LEU B 131 -5.83 -36.01 2.20
N ALA B 132 -6.20 -36.61 3.33
CA ALA B 132 -7.57 -37.06 3.53
C ALA B 132 -8.52 -35.90 3.32
N GLN B 133 -8.30 -34.83 4.09
CA GLN B 133 -9.15 -33.64 4.00
C GLN B 133 -9.11 -33.03 2.60
N ALA B 134 -7.91 -32.92 2.04
CA ALA B 134 -7.72 -32.30 0.73
C ALA B 134 -8.63 -32.93 -0.31
N GLU B 135 -8.50 -34.26 -0.49
CA GLU B 135 -9.31 -34.97 -1.46
C GLU B 135 -10.78 -34.75 -1.19
N ARG B 136 -11.18 -34.83 0.08
CA ARG B 136 -12.57 -34.58 0.47
C ARG B 136 -13.07 -33.24 -0.07
N ASN B 137 -12.24 -32.21 0.05
CA ASN B 137 -12.59 -30.89 -0.44
C ASN B 137 -12.64 -30.86 -1.96
N VAL B 138 -11.60 -31.38 -2.59
CA VAL B 138 -11.55 -31.44 -4.05
C VAL B 138 -12.69 -32.32 -4.57
N ARG B 139 -12.98 -33.40 -3.85
CA ARG B 139 -14.08 -34.28 -4.18
C ARG B 139 -15.38 -33.51 -4.27
N ALA B 140 -15.71 -32.77 -3.21
CA ALA B 140 -16.98 -32.08 -3.09
C ALA B 140 -16.89 -30.65 -3.61
N PHE B 141 -16.49 -30.50 -4.87
CA PHE B 141 -16.42 -29.21 -5.56
C PHE B 141 -15.90 -29.41 -6.97
N TRP B 142 -14.98 -30.37 -7.10
CA TRP B 142 -14.34 -30.69 -8.37
C TRP B 142 -14.59 -32.15 -8.71
N GLN B 143 -15.63 -32.41 -9.49
CA GLN B 143 -16.05 -33.76 -9.79
C GLN B 143 -15.09 -34.46 -10.74
N VAL B 144 -14.23 -33.69 -11.41
CA VAL B 144 -13.26 -34.27 -12.32
C VAL B 144 -12.17 -34.96 -11.52
N GLU B 145 -11.61 -36.03 -12.09
CA GLU B 145 -10.44 -36.69 -11.53
C GLU B 145 -9.28 -36.46 -12.48
N ASN B 146 -8.56 -35.37 -12.25
CA ASN B 146 -7.49 -34.93 -13.12
C ASN B 146 -6.24 -34.55 -12.34
N VAL B 147 -6.30 -34.77 -11.03
CA VAL B 147 -5.15 -34.53 -10.16
C VAL B 147 -4.67 -35.88 -9.64
N ARG B 148 -3.37 -36.12 -9.77
CA ARG B 148 -2.78 -37.34 -9.24
C ARG B 148 -2.24 -37.10 -7.83
N PHE B 149 -2.79 -37.82 -6.86
CA PHE B 149 -2.44 -37.63 -5.46
C PHE B 149 -1.49 -38.72 -4.98
N HIS B 150 -0.41 -38.30 -4.32
CA HIS B 150 0.52 -39.24 -3.69
C HIS B 150 0.68 -38.91 -2.20
N LEU B 151 0.74 -39.95 -1.38
CA LEU B 151 0.87 -39.80 0.06
C LEU B 151 2.34 -39.94 0.47
N GLY B 152 3.14 -38.92 0.16
CA GLY B 152 4.56 -38.96 0.48
C GLY B 152 5.31 -37.66 0.27
N LYS B 153 6.49 -37.60 0.85
CA LYS B 153 7.37 -36.44 0.73
C LYS B 153 7.94 -36.38 -0.69
N LEU B 154 7.68 -35.28 -1.39
CA LEU B 154 8.12 -35.11 -2.77
C LEU B 154 9.63 -35.26 -2.92
N GLU B 161 11.66 -37.35 -15.93
CA GLU B 161 12.80 -36.46 -16.02
C GLU B 161 12.67 -35.50 -17.22
N ALA B 162 12.66 -34.20 -16.92
CA ALA B 162 12.53 -33.16 -17.94
C ALA B 162 11.25 -33.38 -18.72
N ALA B 163 10.20 -33.79 -18.02
CA ALA B 163 8.92 -34.13 -18.63
C ALA B 163 7.79 -33.22 -18.13
N TYR B 164 8.08 -32.38 -17.15
CA TYR B 164 7.05 -31.57 -16.46
C TYR B 164 6.97 -30.12 -16.96
N ASP B 165 5.82 -29.49 -16.76
CA ASP B 165 5.62 -28.13 -17.24
C ASP B 165 5.53 -27.16 -16.06
N GLY B 166 5.63 -27.68 -14.83
CA GLY B 166 5.62 -26.82 -13.65
C GLY B 166 5.78 -27.53 -12.32
N VAL B 167 6.34 -26.81 -11.36
CA VAL B 167 6.45 -27.27 -9.99
C VAL B 167 5.93 -26.16 -9.07
N ALA B 168 5.23 -26.56 -8.01
CA ALA B 168 4.62 -25.61 -7.10
C ALA B 168 4.65 -26.17 -5.68
N LEU B 169 5.09 -25.38 -4.72
CA LEU B 169 5.08 -25.83 -3.33
C LEU B 169 4.57 -24.80 -2.35
N ASP B 170 3.86 -25.32 -1.36
CA ASP B 170 3.47 -24.56 -0.19
C ASP B 170 4.05 -25.29 1.03
N LEU B 171 5.37 -25.42 1.02
CA LEU B 171 6.13 -26.07 2.10
C LEU B 171 6.91 -25.04 2.91
N MET B 172 7.40 -25.48 4.07
CA MET B 172 8.32 -24.66 4.86
C MET B 172 9.74 -24.74 4.29
N GLU B 173 9.96 -25.76 3.46
CA GLU B 173 11.31 -26.07 2.96
C GLU B 173 11.30 -26.45 1.47
N PRO B 174 10.96 -25.47 0.61
CA PRO B 174 11.13 -25.67 -0.83
C PRO B 174 12.60 -25.83 -1.23
N TRP B 175 13.53 -25.35 -0.41
CA TRP B 175 14.95 -25.45 -0.73
C TRP B 175 15.45 -26.89 -0.66
N LYS B 176 14.81 -27.70 0.18
CA LYS B 176 15.15 -29.11 0.28
C LYS B 176 14.85 -29.84 -1.02
N VAL B 177 13.56 -29.96 -1.32
CA VAL B 177 13.08 -30.77 -2.42
C VAL B 177 13.29 -30.06 -3.75
N LEU B 178 14.51 -29.55 -3.94
CA LEU B 178 14.86 -28.78 -5.13
C LEU B 178 15.28 -29.71 -6.27
N ALA B 181 13.08 -32.64 -7.71
CA ALA B 181 12.54 -31.67 -8.64
C ALA B 181 13.66 -31.02 -9.45
N ALA B 182 14.86 -31.58 -9.36
CA ALA B 182 16.01 -31.06 -10.10
C ALA B 182 15.85 -31.30 -11.61
N LEU B 183 15.52 -32.53 -11.97
CA LEU B 183 15.35 -32.92 -13.37
C LEU B 183 13.87 -33.02 -13.77
N ALA B 184 12.98 -33.11 -12.80
CA ALA B 184 11.54 -33.22 -13.07
C ALA B 184 10.97 -31.87 -13.51
N LEU B 185 11.56 -31.29 -14.55
CA LEU B 185 11.12 -30.00 -15.06
C LEU B 185 11.81 -29.66 -16.37
N LYS B 186 11.03 -29.29 -17.37
CA LYS B 186 11.59 -28.96 -18.68
C LYS B 186 12.30 -27.61 -18.66
N PRO B 187 13.09 -27.33 -19.70
CA PRO B 187 13.30 -25.90 -19.92
C PRO B 187 11.96 -25.15 -20.09
N ASP B 188 12.07 -23.83 -20.11
CA ASP B 188 11.00 -22.83 -19.90
C ASP B 188 9.92 -23.04 -18.85
N ARG B 189 10.25 -23.82 -17.82
CA ARG B 189 9.33 -24.08 -16.72
C ARG B 189 9.82 -23.41 -15.44
N PHE B 190 8.94 -23.36 -14.45
CA PHE B 190 9.23 -22.66 -13.20
C PHE B 190 8.98 -23.50 -11.97
N LEU B 191 9.68 -23.13 -10.91
CA LEU B 191 9.31 -23.52 -9.56
C LEU B 191 8.91 -22.27 -8.79
N VAL B 192 7.63 -22.19 -8.43
CA VAL B 192 7.12 -21.12 -7.59
C VAL B 192 6.89 -21.64 -6.19
N ALA B 193 7.58 -21.04 -5.21
CA ALA B 193 7.38 -21.39 -3.82
C ALA B 193 6.67 -20.26 -3.08
N TYR B 194 5.79 -20.64 -2.17
CA TYR B 194 4.93 -19.72 -1.44
C TYR B 194 5.42 -19.63 0.00
N LEU B 195 6.28 -18.65 0.27
CA LEU B 195 6.97 -18.52 1.55
C LEU B 195 6.55 -17.26 2.29
N PRO B 196 6.07 -17.39 3.54
CA PRO B 196 5.61 -16.22 4.30
C PRO B 196 6.67 -15.31 4.96
N ASN B 197 7.93 -15.74 5.04
CA ASN B 197 8.97 -14.90 5.64
C ASN B 197 10.11 -14.59 4.66
N ILE B 198 10.59 -13.35 4.70
CA ILE B 198 11.60 -12.91 3.75
C ILE B 198 12.91 -13.65 4.01
N THR B 199 13.07 -14.17 5.21
CA THR B 199 14.22 -15.02 5.52
C THR B 199 14.19 -16.28 4.66
N GLN B 200 13.06 -16.99 4.74
CA GLN B 200 12.86 -18.24 4.02
C GLN B 200 13.21 -18.11 2.56
N VAL B 201 12.82 -16.99 1.96
CA VAL B 201 13.15 -16.72 0.58
C VAL B 201 14.66 -16.83 0.48
N LEU B 202 15.36 -15.89 1.08
CA LEU B 202 16.83 -15.85 1.04
C LEU B 202 17.44 -17.20 1.42
N GLU B 203 16.89 -17.85 2.43
CA GLU B 203 17.33 -19.20 2.80
C GLU B 203 17.14 -20.18 1.65
N LEU B 204 16.12 -19.94 0.82
CA LEU B 204 15.95 -20.68 -0.43
C LEU B 204 16.74 -20.10 -1.62
N VAL B 205 16.86 -18.78 -1.70
CA VAL B 205 17.53 -18.15 -2.84
C VAL B 205 19.00 -18.56 -2.98
N ARG B 206 19.74 -18.60 -1.87
CA ARG B 206 21.14 -19.07 -1.87
C ARG B 206 21.30 -20.48 -2.48
N ALA B 207 20.32 -21.37 -2.28
CA ALA B 207 20.45 -22.75 -2.73
C ALA B 207 20.54 -22.87 -4.25
N ALA B 208 20.21 -21.80 -4.96
CA ALA B 208 20.25 -21.81 -6.41
C ALA B 208 21.66 -21.55 -6.94
N GLU B 209 22.63 -21.46 -6.03
CA GLU B 209 24.03 -21.34 -6.42
C GLU B 209 24.65 -22.74 -6.57
N ALA B 210 23.78 -23.76 -6.54
CA ALA B 210 24.20 -25.14 -6.73
C ALA B 210 23.45 -25.78 -7.89
N HIS B 211 22.36 -25.15 -8.31
CA HIS B 211 21.49 -25.69 -9.35
C HIS B 211 21.42 -24.76 -10.56
N PRO B 212 20.94 -25.28 -11.71
CA PRO B 212 20.83 -24.46 -12.91
C PRO B 212 19.55 -23.63 -12.90
N PHE B 213 19.60 -22.46 -12.27
CA PHE B 213 18.44 -21.59 -12.14
C PHE B 213 18.82 -20.13 -12.17
N ARG B 214 17.87 -19.31 -12.61
CA ARG B 214 18.00 -17.86 -12.56
C ARG B 214 16.76 -17.26 -11.92
N LEU B 215 16.92 -16.68 -10.74
CA LEU B 215 15.83 -15.94 -10.12
C LEU B 215 15.35 -14.87 -11.07
N GLU B 216 14.09 -14.99 -11.48
CA GLU B 216 13.48 -13.97 -12.31
C GLU B 216 12.73 -13.00 -11.43
N ARG B 217 11.97 -13.54 -10.47
CA ARG B 217 11.07 -12.70 -9.67
C ARG B 217 10.91 -13.11 -8.21
N VAL B 218 10.77 -12.10 -7.36
CA VAL B 218 10.23 -12.25 -6.02
C VAL B 218 9.18 -11.16 -5.88
N LEU B 219 7.96 -11.52 -5.51
CA LEU B 219 6.93 -10.50 -5.30
C LEU B 219 5.94 -10.85 -4.20
N GLU B 220 5.33 -9.81 -3.64
CA GLU B 220 4.25 -9.96 -2.67
C GLU B 220 2.96 -9.50 -3.32
N VAL B 221 1.99 -10.41 -3.40
CA VAL B 221 0.75 -10.14 -4.09
C VAL B 221 -0.03 -9.10 -3.28
N GLY B 222 -0.83 -8.27 -3.96
CA GLY B 222 -1.63 -7.26 -3.28
C GLY B 222 -3.01 -7.10 -3.87
N TRP B 223 -4.02 -7.40 -3.07
CA TRP B 223 -5.42 -7.22 -3.45
C TRP B 223 -6.09 -6.21 -2.52
N ARG B 224 -6.02 -4.94 -2.90
CA ARG B 224 -6.50 -3.84 -2.06
C ARG B 224 -8.00 -3.62 -2.22
N GLU B 225 -8.77 -4.16 -1.27
CA GLU B 225 -10.22 -4.05 -1.32
C GLU B 225 -10.69 -2.62 -1.03
N TRP B 226 -11.65 -2.14 -1.81
CA TRP B 226 -12.30 -0.86 -1.58
C TRP B 226 -13.72 -1.04 -1.02
N GLU B 227 -14.14 -0.12 -0.17
CA GLU B 227 -15.51 -0.12 0.33
C GLU B 227 -16.32 0.97 -0.37
N VAL B 228 -17.27 0.55 -1.20
CA VAL B 228 -18.08 1.48 -1.99
C VAL B 228 -19.57 1.27 -1.73
N ARG B 229 -20.14 2.15 -0.91
CA ARG B 229 -21.58 2.18 -0.66
C ARG B 229 -22.02 3.61 -0.81
N LEU B 230 -22.24 4.03 -2.06
CA LEU B 230 -22.32 5.45 -2.40
C LEU B 230 -23.28 6.24 -1.52
N PRO B 231 -22.88 7.46 -1.12
CA PRO B 231 -21.66 8.16 -1.55
C PRO B 231 -20.39 7.78 -0.79
N VAL B 232 -20.43 6.71 0.02
CA VAL B 232 -19.23 6.24 0.69
C VAL B 232 -18.33 5.54 -0.33
N ALA B 233 -17.06 5.90 -0.31
CA ALA B 233 -16.08 5.31 -1.23
C ALA B 233 -14.69 5.50 -0.66
N HIS B 234 -14.17 4.45 -0.02
CA HIS B 234 -12.85 4.49 0.58
C HIS B 234 -12.21 3.11 0.55
N PRO B 235 -10.88 3.04 0.46
CA PRO B 235 -10.23 1.75 0.65
C PRO B 235 -10.56 1.23 2.05
N ARG B 236 -10.68 -0.08 2.22
CA ARG B 236 -11.17 -0.62 3.49
C ARG B 236 -10.22 -0.34 4.65
N PHE B 237 -10.81 0.11 5.75
CA PHE B 237 -10.07 0.42 6.97
C PHE B 237 -9.35 -0.81 7.49
N GLN B 238 -10.03 -1.95 7.45
CA GLN B 238 -9.43 -3.22 7.79
C GLN B 238 -9.08 -4.00 6.52
N GLN B 239 -7.88 -4.55 6.51
CA GLN B 239 -7.40 -5.38 5.41
C GLN B 239 -6.44 -6.43 5.94
N VAL B 240 -6.08 -7.38 5.09
CA VAL B 240 -5.07 -8.38 5.43
C VAL B 240 -3.81 -7.99 4.67
N GLY B 241 -2.87 -7.38 5.39
CA GLY B 241 -1.72 -6.74 4.79
C GLY B 241 -0.77 -7.71 4.13
N HIS B 242 -0.57 -8.88 4.74
CA HIS B 242 0.39 -9.85 4.24
C HIS B 242 -0.10 -11.28 4.37
N THR B 243 0.25 -12.10 3.39
CA THR B 243 0.07 -13.54 3.46
C THR B 243 1.42 -14.22 3.26
N ALA B 244 2.03 -13.96 2.11
CA ALA B 244 3.34 -14.52 1.80
C ALA B 244 3.94 -13.92 0.53
N PHE B 245 5.22 -14.23 0.30
CA PHE B 245 5.92 -13.80 -0.91
C PHE B 245 5.91 -14.94 -1.93
N LEU B 246 6.02 -14.60 -3.21
CA LEU B 246 6.15 -15.59 -4.28
C LEU B 246 7.49 -15.41 -4.95
N VAL B 247 8.22 -16.51 -5.11
CA VAL B 247 9.54 -16.49 -5.73
C VAL B 247 9.52 -17.31 -7.01
N ALA B 248 10.12 -16.78 -8.06
CA ALA B 248 10.09 -17.41 -9.37
C ALA B 248 11.50 -17.79 -9.84
N LEU B 249 11.63 -19.02 -10.32
CA LEU B 249 12.89 -19.53 -10.85
C LEU B 249 12.69 -20.11 -12.24
N ARG B 250 13.71 -19.95 -13.09
CA ARG B 250 13.64 -20.39 -14.46
C ARG B 250 14.83 -21.33 -14.71
N ARG B 251 14.53 -22.55 -15.14
CA ARG B 251 15.56 -23.54 -15.44
C ARG B 251 16.47 -23.07 -16.57
N TRP B 252 17.62 -23.68 -16.70
CA TRP B 252 18.57 -23.34 -17.76
C TRP B 252 18.46 -24.32 -18.91
N LYS B 253 19.14 -25.46 -18.74
CA LYS B 253 19.24 -26.52 -19.76
C LYS B 253 20.55 -27.28 -19.57
N GLY C 5 14.52 35.05 0.91
CA GLY C 5 15.61 34.07 0.66
C GLY C 5 15.53 33.45 -0.72
N PRO C 6 15.61 32.11 -0.79
CA PRO C 6 15.53 31.43 -2.10
C PRO C 6 14.14 31.46 -2.71
N LEU C 7 14.04 31.05 -3.97
CA LEU C 7 12.76 31.00 -4.67
C LEU C 7 12.68 29.80 -5.60
N LEU C 8 11.47 29.27 -5.76
CA LEU C 8 11.21 28.17 -6.68
C LEU C 8 10.14 28.59 -7.68
N LEU C 9 10.36 28.22 -8.93
CA LEU C 9 9.40 28.52 -9.98
C LEU C 9 8.68 27.24 -10.40
N LYS C 10 7.59 27.40 -11.13
CA LYS C 10 7.02 26.30 -11.91
C LYS C 10 6.59 26.92 -13.23
N ASP C 11 6.88 26.23 -14.32
CA ASP C 11 6.46 26.71 -15.63
C ASP C 11 5.09 26.15 -15.97
N ARG C 12 4.61 26.45 -17.17
CA ARG C 12 3.33 25.92 -17.64
C ARG C 12 3.37 24.39 -17.65
N LYS C 13 4.55 23.85 -17.94
CA LYS C 13 4.76 22.41 -17.91
C LYS C 13 4.84 21.91 -16.46
N GLY C 14 4.97 22.84 -15.53
CA GLY C 14 4.93 22.53 -14.11
C GLY C 14 6.09 21.70 -13.61
N ARG C 15 7.30 22.24 -13.71
CA ARG C 15 8.47 21.58 -13.14
C ARG C 15 9.58 22.58 -12.83
N ALA C 16 10.03 22.58 -11.58
CA ALA C 16 11.18 23.40 -11.15
C ALA C 16 11.06 24.85 -11.60
N LEU C 18 14.84 26.34 -8.91
CA LEU C 18 15.27 26.79 -7.60
C LEU C 18 16.21 27.98 -7.76
N VAL C 19 15.60 29.17 -7.88
CA VAL C 19 16.34 30.40 -8.11
C VAL C 19 16.94 30.89 -6.80
N PHE C 20 18.21 31.27 -6.85
CA PHE C 20 18.91 31.85 -5.71
C PHE C 20 19.21 33.33 -5.97
N PRO C 21 18.32 34.23 -5.53
CA PRO C 21 18.47 35.65 -5.82
C PRO C 21 19.78 36.29 -5.35
N LYS C 22 20.52 36.82 -6.31
CA LYS C 22 21.69 37.64 -6.08
C LYS C 22 21.38 38.98 -6.74
N GLU C 23 21.90 40.09 -6.21
CA GLU C 23 21.62 41.40 -6.76
C GLU C 23 22.10 41.51 -8.21
N GLY C 24 21.19 41.90 -9.10
CA GLY C 24 21.52 42.09 -10.51
C GLY C 24 21.74 40.81 -11.29
N GLY C 25 20.68 40.02 -11.45
CA GLY C 25 20.77 38.76 -12.16
C GLY C 25 19.45 38.31 -12.76
N VAL C 26 19.50 37.23 -13.52
CA VAL C 26 18.34 36.74 -14.28
C VAL C 26 18.18 35.22 -14.22
N PHE C 27 16.98 34.76 -14.60
CA PHE C 27 16.78 33.34 -14.90
C PHE C 27 16.96 33.09 -16.38
N SER C 33 13.25 34.82 -19.95
CA SER C 33 14.41 35.43 -19.31
C SER C 33 14.00 36.69 -18.54
N VAL C 34 13.87 36.56 -17.23
CA VAL C 34 13.32 37.64 -16.39
C VAL C 34 14.09 37.86 -15.08
N PRO C 35 14.64 39.07 -14.88
CA PRO C 35 15.57 39.35 -13.76
C PRO C 35 15.03 39.04 -12.37
N HIS C 36 15.95 38.81 -11.45
CA HIS C 36 15.63 38.43 -10.08
C HIS C 36 14.77 39.47 -9.37
N GLU C 37 15.07 40.74 -9.58
CA GLU C 37 14.31 41.80 -8.91
C GLU C 37 12.86 41.78 -9.36
N ALA C 38 12.61 41.31 -10.58
CA ALA C 38 11.25 41.15 -11.07
C ALA C 38 10.57 40.00 -10.33
N LEU C 39 11.35 38.98 -9.98
CA LEU C 39 10.82 37.82 -9.27
C LEU C 39 10.36 38.20 -7.86
N LEU C 40 11.14 39.02 -7.17
CA LEU C 40 10.85 39.39 -5.79
C LEU C 40 9.60 40.28 -5.70
N GLU C 41 9.37 41.09 -6.72
CA GLU C 41 8.27 42.04 -6.72
C GLU C 41 6.93 41.33 -6.95
N ALA C 42 6.90 40.38 -7.88
CA ALA C 42 5.70 39.58 -8.10
C ALA C 42 5.45 38.71 -6.88
N GLY C 43 6.54 38.20 -6.29
CA GLY C 43 6.48 37.57 -4.99
C GLY C 43 5.97 36.14 -4.97
N PRO C 44 5.67 35.62 -3.77
CA PRO C 44 5.27 34.22 -3.58
C PRO C 44 3.84 33.97 -4.05
N GLY C 45 3.67 33.12 -5.05
CA GLY C 45 2.40 32.96 -5.72
C GLY C 45 2.23 33.99 -6.81
N GLY C 46 3.32 34.68 -7.12
CA GLY C 46 3.31 35.73 -8.13
C GLY C 46 3.62 35.20 -9.52
N VAL C 47 3.54 36.10 -10.49
CA VAL C 47 3.74 35.74 -11.90
C VAL C 47 4.82 36.57 -12.58
N VAL C 48 5.49 35.94 -13.53
CA VAL C 48 6.52 36.59 -14.34
C VAL C 48 6.52 36.04 -15.76
N LEU C 56 5.92 31.19 -16.22
CA LEU C 56 6.46 30.70 -14.96
C LEU C 56 5.91 31.49 -13.77
N SER C 57 5.62 30.79 -12.68
CA SER C 57 5.16 31.42 -11.44
C SER C 57 6.27 31.35 -10.41
N VAL C 58 6.09 32.04 -9.28
CA VAL C 58 7.11 32.12 -8.24
C VAL C 58 6.55 31.74 -6.89
N HIS C 59 7.29 30.93 -6.14
CA HIS C 59 6.88 30.54 -4.80
C HIS C 59 8.06 30.47 -3.85
N ARG C 60 7.77 30.66 -2.57
CA ARG C 60 8.74 30.45 -1.52
C ARG C 60 8.78 28.94 -1.25
N PRO C 61 9.91 28.27 -1.56
CA PRO C 61 9.88 26.81 -1.56
C PRO C 61 9.55 26.18 -0.21
N THR C 62 8.88 25.05 -0.25
CA THR C 62 8.67 24.24 0.94
C THR C 62 9.94 23.46 1.21
N LEU C 63 10.10 22.99 2.44
CA LEU C 63 11.25 22.19 2.83
C LEU C 63 11.30 20.91 1.99
N GLU C 64 10.12 20.44 1.57
CA GLU C 64 10.03 19.26 0.72
C GLU C 64 10.54 19.55 -0.69
N GLU C 65 10.11 20.67 -1.24
CA GLU C 65 10.53 21.09 -2.58
C GLU C 65 12.03 21.37 -2.63
N TYR C 66 12.55 21.99 -1.57
CA TYR C 66 13.94 22.41 -1.54
C TYR C 66 14.89 21.22 -1.52
N LEU C 67 14.59 20.27 -0.64
CA LEU C 67 15.42 19.07 -0.48
C LEU C 67 15.54 18.31 -1.80
N LEU C 68 14.47 18.32 -2.59
CA LEU C 68 14.43 17.56 -3.83
C LEU C 68 15.23 18.23 -4.95
N HIS C 69 15.20 19.56 -5.00
CA HIS C 69 15.79 20.30 -6.11
C HIS C 69 17.17 20.87 -5.81
N MET C 70 17.69 20.63 -4.61
CA MET C 70 18.99 21.17 -4.23
C MET C 70 20.14 20.31 -4.75
N LYS C 71 21.33 20.87 -4.78
CA LYS C 71 22.52 20.13 -5.19
C LYS C 71 22.79 19.01 -4.20
N ARG C 72 23.13 17.83 -4.71
CA ARG C 72 23.36 16.68 -3.85
C ARG C 72 24.65 15.93 -4.22
N SER C 73 25.62 16.02 -3.32
CA SER C 73 26.83 15.21 -3.41
C SER C 73 26.48 13.77 -3.08
N ALA C 74 25.69 13.61 -2.01
CA ALA C 74 25.16 12.33 -1.61
C ALA C 74 23.63 12.37 -1.68
N THR C 75 22.99 11.23 -1.89
CA THR C 75 21.55 11.22 -2.08
C THR C 75 20.80 11.46 -0.76
N PRO C 76 19.88 12.45 -0.74
CA PRO C 76 19.22 12.75 0.52
C PRO C 76 18.18 11.72 0.95
N THR C 77 17.83 11.74 2.22
CA THR C 77 16.70 10.99 2.73
C THR C 77 15.43 11.57 2.12
N ALA C 78 14.55 10.70 1.63
CA ALA C 78 13.31 11.16 1.00
C ALA C 78 12.42 11.84 2.05
N PRO C 79 11.79 12.96 1.67
CA PRO C 79 11.00 13.76 2.63
C PRO C 79 9.87 12.98 3.32
N LYS C 80 9.34 11.94 2.69
CA LYS C 80 8.32 11.12 3.33
C LYS C 80 8.93 10.29 4.44
N ASP C 81 10.15 9.82 4.21
CA ASP C 81 10.88 9.06 5.20
C ASP C 81 11.48 9.99 6.25
N ALA C 82 12.01 11.12 5.79
CA ALA C 82 12.57 12.13 6.68
C ALA C 82 11.49 12.68 7.59
N SER C 83 10.31 12.90 7.03
CA SER C 83 9.15 13.32 7.81
C SER C 83 8.78 12.28 8.86
N ALA C 84 8.75 11.01 8.44
CA ALA C 84 8.36 9.93 9.33
C ALA C 84 9.46 9.64 10.35
N MET C 85 10.71 9.93 9.99
CA MET C 85 11.83 9.69 10.88
C MET C 85 11.73 10.56 12.13
N VAL C 86 11.24 11.78 11.95
CA VAL C 86 11.06 12.74 13.04
C VAL C 86 10.05 12.22 14.07
N THR C 87 8.93 11.70 13.58
CA THR C 87 7.85 11.26 14.47
C THR C 87 8.26 10.01 15.23
N LEU C 88 9.01 9.12 14.58
CA LEU C 88 9.50 7.91 15.24
C LEU C 88 10.53 8.28 16.29
N LEU C 89 11.37 9.26 15.97
CA LEU C 89 12.34 9.78 16.93
C LEU C 89 11.64 10.57 18.03
N ASP C 90 10.37 10.89 17.81
CA ASP C 90 9.55 11.59 18.81
C ASP C 90 10.22 12.88 19.28
N LEU C 91 10.56 13.75 18.35
CA LEU C 91 11.32 14.96 18.67
C LEU C 91 10.43 16.18 18.86
N ALA C 92 10.55 16.79 20.03
CA ALA C 92 9.86 18.03 20.36
C ALA C 92 10.88 19.17 20.48
N PRO C 93 10.41 20.42 20.46
CA PRO C 93 11.35 21.55 20.57
C PRO C 93 12.19 21.53 21.86
N GLY C 94 13.49 21.79 21.72
CA GLY C 94 14.39 21.88 22.85
C GLY C 94 15.30 20.66 23.01
N MET C 95 15.13 19.68 22.14
CA MET C 95 15.87 18.43 22.25
C MET C 95 17.22 18.49 21.54
N ARG C 96 18.12 17.60 21.95
CA ARG C 96 19.43 17.46 21.32
C ARG C 96 19.44 16.14 20.57
N VAL C 97 19.58 16.20 19.25
CA VAL C 97 19.52 15.00 18.44
C VAL C 97 20.81 14.77 17.65
N LEU C 98 21.18 13.50 17.56
CA LEU C 98 22.42 13.06 16.91
C LEU C 98 22.11 12.60 15.50
N GLU C 99 22.93 13.02 14.53
CA GLU C 99 22.74 12.60 13.14
C GLU C 99 24.03 12.16 12.47
N ALA C 100 23.93 11.13 11.64
CA ALA C 100 25.02 10.75 10.75
C ALA C 100 24.48 9.75 9.71
N GLY C 101 24.85 9.87 8.44
CA GLY C 101 25.77 10.87 7.93
C GLY C 101 25.03 12.08 7.37
N THR C 102 25.71 13.23 7.35
CA THR C 102 25.08 14.48 6.93
C THR C 102 24.72 14.47 5.44
N GLY C 103 25.54 13.82 4.62
CA GLY C 103 25.26 13.66 3.21
C GLY C 103 25.17 14.98 2.46
N SER C 104 23.97 15.32 1.99
CA SER C 104 23.72 16.61 1.36
C SER C 104 22.99 17.55 2.30
N GLY C 105 22.64 17.04 3.48
CA GLY C 105 22.02 17.85 4.51
C GLY C 105 20.51 17.91 4.43
N GLY C 106 19.91 16.93 3.75
CA GLY C 106 18.46 16.90 3.59
C GLY C 106 17.73 16.63 4.89
N LEU C 107 17.92 15.42 5.43
CA LEU C 107 17.29 15.04 6.69
C LEU C 107 17.72 15.95 7.84
N THR C 108 18.91 16.53 7.69
CA THR C 108 19.44 17.49 8.66
C THR C 108 18.46 18.63 8.92
N LEU C 109 17.87 19.15 7.85
CA LEU C 109 16.96 20.28 7.93
C LEU C 109 15.63 19.90 8.57
N PHE C 110 15.15 18.69 8.25
CA PHE C 110 13.93 18.18 8.88
C PHE C 110 14.09 18.07 10.39
N LEU C 111 15.29 17.65 10.80
CA LEU C 111 15.59 17.49 12.22
C LEU C 111 15.67 18.82 12.94
N ALA C 112 16.35 19.78 12.34
CA ALA C 112 16.58 21.09 12.94
C ALA C 112 15.27 21.82 13.22
N ARG C 113 14.31 21.67 12.31
CA ARG C 113 13.02 22.31 12.48
C ARG C 113 12.26 21.75 13.68
N ALA C 114 12.43 20.46 13.93
CA ALA C 114 11.72 19.79 15.00
C ALA C 114 12.25 20.19 16.38
N VAL C 115 13.58 20.32 16.51
CA VAL C 115 14.17 20.61 17.81
C VAL C 115 14.10 22.10 18.15
N GLY C 116 13.99 22.94 17.13
CA GLY C 116 13.80 24.36 17.35
C GLY C 116 15.07 25.12 17.72
N GLU C 117 14.92 26.44 17.83
CA GLU C 117 16.04 27.34 18.12
C GLU C 117 16.75 26.99 19.43
N LYS C 118 15.99 26.49 20.39
CA LYS C 118 16.54 26.15 21.71
C LYS C 118 17.08 24.72 21.76
N GLY C 119 16.94 23.99 20.67
CA GLY C 119 17.41 22.61 20.61
C GLY C 119 18.77 22.52 19.95
N LEU C 120 19.11 21.33 19.47
CA LEU C 120 20.40 21.12 18.82
C LEU C 120 20.39 19.88 17.92
N VAL C 121 21.02 20.01 16.77
CA VAL C 121 21.28 18.89 15.87
C VAL C 121 22.77 18.68 15.75
N GLU C 122 23.27 17.64 16.40
CA GLU C 122 24.70 17.32 16.34
C GLU C 122 24.91 16.28 15.24
N SER C 123 25.45 16.75 14.12
CA SER C 123 25.50 15.96 12.90
C SER C 123 26.94 15.68 12.45
N TYR C 124 27.21 14.42 12.12
CA TYR C 124 28.55 13.99 11.73
C TYR C 124 28.57 13.49 10.28
N GLU C 125 29.70 13.69 9.61
CA GLU C 125 29.88 13.24 8.22
C GLU C 125 31.35 12.99 7.95
N ALA C 126 31.66 11.78 7.51
CA ALA C 126 33.04 11.35 7.34
C ALA C 126 33.69 11.93 6.09
N ARG C 127 32.95 11.99 4.99
CA ARG C 127 33.51 12.43 3.72
C ARG C 127 33.42 13.96 3.58
N PRO C 128 34.57 14.63 3.37
CA PRO C 128 34.60 16.10 3.42
C PRO C 128 33.77 16.80 2.34
N HIS C 129 33.86 16.35 1.09
CA HIS C 129 33.10 16.96 0.02
C HIS C 129 31.60 16.86 0.29
N HIS C 130 31.19 15.78 0.95
CA HIS C 130 29.79 15.62 1.36
C HIS C 130 29.39 16.62 2.43
N LEU C 131 30.25 16.90 3.38
CA LEU C 131 29.90 17.86 4.40
C LEU C 131 29.86 19.27 3.83
N ALA C 132 30.77 19.58 2.91
CA ALA C 132 30.85 20.94 2.36
C ALA C 132 29.52 21.38 1.78
N GLN C 133 29.09 20.77 0.67
CA GLN C 133 27.83 21.16 0.04
C GLN C 133 26.65 20.93 1.00
N ALA C 134 26.81 20.04 1.98
CA ALA C 134 25.77 19.82 2.98
C ALA C 134 25.55 21.09 3.80
N GLU C 135 26.64 21.67 4.29
CA GLU C 135 26.57 22.92 5.02
C GLU C 135 25.97 24.02 4.15
N ARG C 136 26.40 24.10 2.90
CA ARG C 136 25.92 25.14 2.00
C ARG C 136 24.42 24.99 1.72
N ASN C 137 23.95 23.74 1.69
CA ASN C 137 22.54 23.46 1.45
C ASN C 137 21.67 23.82 2.65
N VAL C 138 22.11 23.46 3.86
CA VAL C 138 21.37 23.77 5.07
C VAL C 138 21.30 25.27 5.28
N ARG C 139 22.43 25.93 5.13
CA ARG C 139 22.56 27.34 5.49
C ARG C 139 21.79 28.28 4.57
N ALA C 140 21.85 28.02 3.27
CA ALA C 140 21.11 28.82 2.30
C ALA C 140 19.62 28.81 2.62
N PHE C 141 19.16 27.69 3.18
CA PHE C 141 17.74 27.50 3.46
C PHE C 141 17.36 27.84 4.90
N TRP C 142 18.22 27.47 5.84
CA TRP C 142 17.90 27.51 7.27
C TRP C 142 19.03 28.17 8.07
N GLN C 143 18.76 29.37 8.58
CA GLN C 143 19.79 30.21 9.19
C GLN C 143 19.74 30.26 10.72
N VAL C 144 18.84 29.50 11.33
CA VAL C 144 18.83 29.37 12.79
C VAL C 144 20.05 28.55 13.19
N GLU C 145 20.74 29.01 14.23
CA GLU C 145 21.98 28.39 14.66
C GLU C 145 21.78 27.33 15.73
N ASN C 146 21.35 26.14 15.30
CA ASN C 146 21.21 25.00 16.22
C ASN C 146 21.61 23.68 15.56
N VAL C 147 22.51 23.79 14.59
CA VAL C 147 23.13 22.63 13.96
C VAL C 147 24.62 22.67 14.26
N ARG C 148 25.16 21.54 14.71
CA ARG C 148 26.59 21.43 15.01
C ARG C 148 27.24 20.46 14.01
N PHE C 149 28.16 20.97 13.20
CA PHE C 149 28.83 20.16 12.19
C PHE C 149 30.16 19.60 12.68
N HIS C 150 30.43 18.35 12.33
CA HIS C 150 31.71 17.72 12.63
C HIS C 150 32.12 16.83 11.47
N LEU C 151 33.23 17.18 10.82
CA LEU C 151 33.83 16.29 9.86
C LEU C 151 34.39 15.08 10.61
N GLY C 152 34.01 13.88 10.16
CA GLY C 152 34.51 12.66 10.77
C GLY C 152 33.41 11.69 11.11
N LYS C 153 33.81 10.53 11.64
CA LYS C 153 32.88 9.45 11.94
C LYS C 153 32.18 9.64 13.28
N LEU C 154 31.08 8.90 13.44
CA LEU C 154 30.29 8.95 14.66
C LEU C 154 30.81 7.98 15.72
N GLU C 155 31.30 6.83 15.27
CA GLU C 155 31.85 5.82 16.18
C GLU C 155 33.21 6.24 16.74
N GLU C 156 33.69 7.40 16.31
CA GLU C 156 34.95 7.96 16.79
C GLU C 156 34.75 9.32 17.43
N ALA C 157 33.50 9.70 17.63
CA ALA C 157 33.16 11.00 18.20
C ALA C 157 33.03 10.93 19.71
N GLU C 158 33.58 11.93 20.39
CA GLU C 158 33.49 12.01 21.85
C GLU C 158 32.16 12.66 22.24
N LEU C 159 31.28 11.91 22.89
CA LEU C 159 29.97 12.43 23.26
C LEU C 159 29.66 12.19 24.72
N GLU C 160 28.91 13.13 25.30
CA GLU C 160 28.42 12.99 26.65
C GLU C 160 27.47 11.79 26.74
N GLU C 161 27.58 11.03 27.83
CA GLU C 161 26.80 9.83 28.01
C GLU C 161 25.40 10.16 28.53
N ALA C 162 24.37 9.61 27.89
CA ALA C 162 22.98 9.82 28.28
C ALA C 162 22.62 11.30 28.26
N ALA C 163 22.98 11.99 27.19
CA ALA C 163 22.71 13.42 27.06
C ALA C 163 22.04 13.74 25.72
N TYR C 164 21.55 12.71 25.03
CA TYR C 164 20.94 12.87 23.72
C TYR C 164 19.55 12.24 23.66
N ASP C 165 18.61 12.97 23.06
CA ASP C 165 17.21 12.56 23.04
C ASP C 165 16.84 11.72 21.82
N GLY C 166 17.78 11.56 20.89
CA GLY C 166 17.53 10.76 19.70
C GLY C 166 18.76 10.63 18.81
N VAL C 167 18.80 9.55 18.03
CA VAL C 167 19.86 9.35 17.05
C VAL C 167 19.27 8.98 15.70
N ALA C 168 19.42 9.88 14.72
CA ALA C 168 18.95 9.64 13.37
C ALA C 168 20.10 9.12 12.52
N LEU C 169 19.92 7.95 11.93
CA LEU C 169 20.97 7.33 11.12
C LEU C 169 20.60 7.24 9.64
N ASP C 170 21.59 7.47 8.78
CA ASP C 170 21.45 7.21 7.36
C ASP C 170 22.82 6.96 6.74
N LEU C 171 23.30 5.73 6.89
CA LEU C 171 24.60 5.32 6.38
C LEU C 171 24.50 3.87 5.91
N MET C 172 25.61 3.34 5.38
CA MET C 172 25.60 2.01 4.75
C MET C 172 25.86 0.86 5.74
N GLU C 173 26.65 1.13 6.79
CA GLU C 173 26.91 0.14 7.83
C GLU C 173 26.50 0.62 9.24
N PRO C 174 25.24 1.02 9.43
CA PRO C 174 24.69 1.51 10.71
C PRO C 174 25.00 0.69 11.95
N TRP C 175 25.12 -0.63 11.82
CA TRP C 175 25.36 -1.48 12.99
C TRP C 175 26.67 -1.12 13.72
N LYS C 176 27.49 -0.28 13.09
CA LYS C 176 28.81 0.07 13.62
C LYS C 176 28.79 1.17 14.70
N VAL C 177 27.63 1.77 14.97
CA VAL C 177 27.57 2.89 15.90
C VAL C 177 26.61 2.65 17.06
N LEU C 178 26.13 1.42 17.21
CA LEU C 178 25.23 1.09 18.30
C LEU C 178 25.87 1.39 19.66
N GLU C 179 27.13 0.97 19.82
CA GLU C 179 27.88 1.15 21.06
C GLU C 179 27.92 2.62 21.43
N LYS C 180 28.33 3.45 20.47
CA LYS C 180 28.47 4.88 20.72
C LYS C 180 27.12 5.59 20.80
N ALA C 181 26.14 5.10 20.04
CA ALA C 181 24.80 5.67 20.07
C ALA C 181 24.13 5.39 21.40
N ALA C 182 24.33 4.17 21.90
CA ALA C 182 23.75 3.74 23.17
C ALA C 182 24.34 4.56 24.32
N LEU C 183 25.59 4.98 24.17
CA LEU C 183 26.25 5.83 25.15
C LEU C 183 25.52 7.16 25.28
N ALA C 184 25.34 7.82 24.14
CA ALA C 184 24.75 9.16 24.09
C ALA C 184 23.28 9.17 24.51
N LEU C 185 22.55 8.14 24.10
CA LEU C 185 21.09 8.14 24.25
C LEU C 185 20.63 7.97 25.69
N LYS C 186 19.56 8.69 26.03
CA LYS C 186 18.92 8.52 27.33
C LYS C 186 18.06 7.26 27.29
N PRO C 187 17.67 6.75 28.47
CA PRO C 187 16.70 5.67 28.53
C PRO C 187 15.41 6.01 27.80
N ASP C 188 14.86 5.05 27.06
CA ASP C 188 13.55 5.18 26.44
C ASP C 188 13.56 6.05 25.18
N ARG C 189 14.74 6.49 24.75
CA ARG C 189 14.87 7.25 23.50
C ARG C 189 15.31 6.33 22.37
N PHE C 190 14.85 6.63 21.17
CA PHE C 190 14.98 5.72 20.04
C PHE C 190 16.23 6.00 19.20
N LEU C 191 16.59 5.01 18.39
CA LEU C 191 17.59 5.16 17.35
C LEU C 191 16.95 4.74 16.04
N VAL C 192 16.55 5.71 15.21
CA VAL C 192 15.86 5.39 13.97
C VAL C 192 16.84 5.48 12.80
N ALA C 193 16.86 4.45 11.96
CA ALA C 193 17.83 4.33 10.88
C ALA C 193 17.17 4.13 9.52
N TYR C 194 17.83 4.68 8.49
CA TYR C 194 17.33 4.70 7.12
C TYR C 194 18.13 3.72 6.25
N LEU C 195 17.53 2.57 5.94
CA LEU C 195 18.26 1.47 5.30
C LEU C 195 17.54 0.89 4.07
N PRO C 196 18.15 1.00 2.87
CA PRO C 196 17.52 0.55 1.61
C PRO C 196 17.24 -0.94 1.51
N ASN C 197 18.20 -1.79 1.85
CA ASN C 197 18.05 -3.24 1.69
C ASN C 197 17.52 -3.92 2.95
N ILE C 198 16.74 -4.98 2.76
CA ILE C 198 16.19 -5.73 3.89
C ILE C 198 17.30 -6.56 4.54
N THR C 199 18.27 -6.96 3.72
CA THR C 199 19.45 -7.67 4.22
C THR C 199 20.14 -6.79 5.25
N GLN C 200 20.25 -5.52 4.90
CA GLN C 200 20.80 -4.49 5.78
C GLN C 200 20.06 -4.41 7.11
N VAL C 201 18.73 -4.53 7.06
CA VAL C 201 17.88 -4.41 8.25
C VAL C 201 18.19 -5.51 9.26
N LEU C 202 18.20 -6.75 8.80
CA LEU C 202 18.31 -7.90 9.70
C LEU C 202 19.64 -7.89 10.44
N GLU C 203 20.71 -7.60 9.70
CA GLU C 203 22.05 -7.54 10.29
C GLU C 203 22.06 -6.56 11.46
N LEU C 204 21.39 -5.44 11.28
CA LEU C 204 21.25 -4.43 12.34
C LEU C 204 20.43 -4.97 13.50
N VAL C 205 19.28 -5.58 13.18
CA VAL C 205 18.47 -6.23 14.21
C VAL C 205 19.29 -7.33 14.88
N ARG C 206 20.19 -7.95 14.10
CA ARG C 206 21.03 -9.03 14.60
C ARG C 206 22.21 -8.47 15.40
N ALA C 207 22.68 -7.28 15.02
CA ALA C 207 23.76 -6.64 15.76
C ALA C 207 23.21 -5.97 17.01
N ALA C 208 21.97 -5.48 16.91
CA ALA C 208 21.29 -4.83 18.03
C ALA C 208 21.04 -5.80 19.18
N GLU C 209 21.08 -7.10 18.88
CA GLU C 209 20.99 -8.14 19.90
C GLU C 209 22.05 -7.94 20.96
N ALA C 210 23.24 -7.54 20.51
CA ALA C 210 24.42 -7.43 21.36
C ALA C 210 24.52 -6.06 22.03
N HIS C 211 23.43 -5.29 21.98
CA HIS C 211 23.43 -3.92 22.48
C HIS C 211 22.18 -3.64 23.29
N PRO C 212 22.22 -2.60 24.13
CA PRO C 212 21.04 -2.34 24.97
C PRO C 212 19.89 -1.76 24.15
N PHE C 213 19.27 -2.60 23.31
CA PHE C 213 18.18 -2.14 22.46
C PHE C 213 17.05 -3.14 22.28
N ARG C 214 15.84 -2.61 22.42
CA ARG C 214 14.59 -3.36 22.25
C ARG C 214 13.92 -2.89 20.97
N LEU C 215 14.02 -3.70 19.92
CA LEU C 215 13.48 -3.33 18.60
C LEU C 215 11.97 -3.12 18.65
N GLU C 216 11.56 -1.92 18.26
CA GLU C 216 10.16 -1.52 18.30
C GLU C 216 9.49 -1.58 16.93
N ARG C 217 10.15 -1.04 15.91
CA ARG C 217 9.51 -0.85 14.61
C ARG C 217 10.40 -1.18 13.40
N VAL C 218 9.77 -1.79 12.40
CA VAL C 218 10.33 -1.93 11.06
C VAL C 218 9.21 -1.60 10.09
N LEU C 219 9.29 -0.48 9.39
CA LEU C 219 8.15 -0.03 8.58
C LEU C 219 8.53 0.68 7.29
N GLU C 220 7.72 0.45 6.27
CA GLU C 220 7.82 1.15 5.00
C GLU C 220 6.87 2.34 4.97
N VAL C 221 7.35 3.45 4.41
CA VAL C 221 6.52 4.62 4.21
C VAL C 221 6.19 4.75 2.73
N GLY C 222 4.92 5.05 2.44
CA GLY C 222 4.49 5.30 1.08
C GLY C 222 3.60 6.52 1.01
N TRP C 223 4.05 7.53 0.26
CA TRP C 223 3.21 8.66 -0.09
C TRP C 223 2.71 8.44 -1.51
N ARG C 224 1.48 7.93 -1.61
CA ARG C 224 0.94 7.49 -2.89
C ARG C 224 0.15 8.62 -3.57
N GLU C 225 0.82 9.31 -4.49
CA GLU C 225 0.23 10.45 -5.17
C GLU C 225 -0.92 10.04 -6.10
N TRP C 226 -1.97 10.86 -6.10
CA TRP C 226 -3.05 10.75 -7.08
C TRP C 226 -2.92 11.86 -8.11
N GLU C 227 -3.36 11.58 -9.33
CA GLU C 227 -3.54 12.61 -10.34
C GLU C 227 -5.02 12.92 -10.42
N VAL C 228 -5.39 14.15 -10.04
CA VAL C 228 -6.78 14.59 -10.13
C VAL C 228 -6.87 15.77 -11.09
N ARG C 229 -7.38 15.48 -12.28
CA ARG C 229 -7.71 16.49 -13.27
C ARG C 229 -9.08 16.14 -13.82
N LEU C 230 -10.12 16.49 -13.07
CA LEU C 230 -11.48 16.03 -13.34
C LEU C 230 -11.85 16.21 -14.82
N PRO C 231 -12.46 15.18 -15.44
CA PRO C 231 -13.00 13.95 -14.86
C PRO C 231 -11.94 12.93 -14.46
N VAL C 232 -10.70 13.16 -14.88
CA VAL C 232 -9.64 12.20 -14.62
C VAL C 232 -9.35 12.16 -13.13
N ALA C 233 -9.33 10.96 -12.56
CA ALA C 233 -9.10 10.77 -11.14
C ALA C 233 -8.58 9.36 -10.88
N HIS C 234 -7.29 9.25 -10.61
CA HIS C 234 -6.68 7.94 -10.41
C HIS C 234 -5.35 8.06 -9.66
N PRO C 235 -4.97 7.00 -8.93
CA PRO C 235 -3.60 6.97 -8.39
C PRO C 235 -2.59 6.89 -9.52
N ARG C 236 -1.46 7.57 -9.37
CA ARG C 236 -0.52 7.76 -10.47
C ARG C 236 0.07 6.46 -11.00
N PHE C 237 0.13 6.36 -12.32
CA PHE C 237 0.75 5.22 -13.00
C PHE C 237 2.23 5.12 -12.60
N GLN C 238 2.88 6.27 -12.54
CA GLN C 238 4.28 6.35 -12.15
C GLN C 238 4.41 6.78 -10.70
N GLN C 239 4.90 5.87 -9.86
CA GLN C 239 5.13 6.14 -8.45
C GLN C 239 6.61 5.94 -8.11
N VAL C 240 6.92 6.12 -6.83
CA VAL C 240 8.20 5.67 -6.29
C VAL C 240 7.94 4.35 -5.58
N GLY C 241 8.53 3.29 -6.11
CA GLY C 241 8.30 1.95 -5.61
C GLY C 241 8.82 1.74 -4.20
N HIS C 242 10.05 2.19 -3.98
CA HIS C 242 10.73 1.96 -2.71
C HIS C 242 11.89 2.93 -2.55
N THR C 243 12.15 3.34 -1.32
CA THR C 243 13.34 4.11 -1.00
C THR C 243 14.18 3.34 0.01
N ALA C 244 13.64 3.23 1.23
CA ALA C 244 14.35 2.54 2.29
C ALA C 244 13.41 2.16 3.44
N PHE C 245 13.82 1.16 4.21
CA PHE C 245 13.12 0.78 5.42
C PHE C 245 13.51 1.72 6.55
N LEU C 246 12.61 1.88 7.51
CA LEU C 246 12.90 2.65 8.72
C LEU C 246 12.95 1.72 9.92
N VAL C 247 14.06 1.76 10.65
CA VAL C 247 14.29 0.88 11.80
C VAL C 247 14.38 1.66 13.09
N ALA C 248 13.40 1.48 13.97
CA ALA C 248 13.38 2.20 15.26
C ALA C 248 13.80 1.29 16.41
N LEU C 249 14.86 1.69 17.12
CA LEU C 249 15.42 0.92 18.23
C LEU C 249 15.44 1.72 19.54
N ARG C 250 14.56 1.37 20.46
CA ARG C 250 14.50 2.07 21.75
C ARG C 250 15.53 1.52 22.72
N ARG C 251 16.13 2.41 23.51
CA ARG C 251 17.22 2.02 24.41
C ARG C 251 16.73 1.54 25.78
N TRP C 252 17.50 0.65 26.38
CA TRP C 252 17.22 0.17 27.74
C TRP C 252 17.65 1.20 28.77
N LYS C 253 16.92 1.27 29.88
CA LYS C 253 17.43 2.00 31.02
C LYS C 253 18.55 1.15 31.61
N ALA C 254 19.78 1.64 31.48
CA ALA C 254 20.97 0.86 31.84
C ALA C 254 20.88 0.18 33.21
N HIS D 36 19.20 -17.80 -36.26
CA HIS D 36 18.50 -18.00 -34.97
C HIS D 36 18.81 -19.38 -34.36
N GLU D 37 19.55 -20.20 -35.11
CA GLU D 37 19.70 -21.62 -34.81
C GLU D 37 20.19 -21.96 -33.40
N ALA D 38 21.23 -21.29 -32.94
CA ALA D 38 21.83 -21.60 -31.64
C ALA D 38 20.78 -21.49 -30.52
N LEU D 39 19.82 -20.60 -30.72
CA LEU D 39 18.71 -20.45 -29.80
C LEU D 39 17.90 -21.73 -29.73
N LEU D 40 17.66 -22.30 -30.91
CA LEU D 40 16.81 -23.48 -31.04
C LEU D 40 17.51 -24.72 -30.49
N GLU D 41 18.84 -24.70 -30.56
CA GLU D 41 19.65 -25.80 -30.03
C GLU D 41 20.10 -25.51 -28.59
N ALA D 42 19.82 -24.29 -28.11
CA ALA D 42 20.08 -23.96 -26.71
C ALA D 42 18.98 -24.53 -25.83
N GLY D 43 17.74 -24.19 -26.15
CA GLY D 43 16.58 -24.65 -25.41
C GLY D 43 15.73 -23.51 -24.90
N GLY D 46 19.05 -22.20 -21.14
CA GLY D 46 19.81 -22.16 -22.38
C GLY D 46 20.35 -20.77 -22.67
N VAL D 47 21.64 -20.70 -22.98
CA VAL D 47 22.30 -19.43 -23.28
C VAL D 47 22.74 -19.37 -24.74
N VAL D 48 23.21 -18.20 -25.16
CA VAL D 48 23.58 -17.96 -26.55
C VAL D 48 24.46 -16.71 -26.64
N ARG D 49 25.43 -16.72 -27.55
CA ARG D 49 26.31 -15.58 -27.75
C ARG D 49 25.95 -14.82 -29.02
N LEU D 56 23.47 -13.49 -22.98
CA LEU D 56 22.08 -13.63 -23.42
C LEU D 56 21.44 -14.88 -22.84
N SER D 57 20.11 -14.84 -22.72
CA SER D 57 19.31 -16.01 -22.37
C SER D 57 18.10 -16.02 -23.29
N VAL D 58 17.39 -17.14 -23.37
CA VAL D 58 16.27 -17.21 -24.30
C VAL D 58 15.20 -18.21 -23.91
N HIS D 59 13.98 -17.90 -24.32
CA HIS D 59 12.79 -18.60 -23.84
C HIS D 59 11.67 -18.73 -24.87
N ARG D 60 10.90 -19.82 -24.78
CA ARG D 60 9.53 -19.84 -25.30
C ARG D 60 8.73 -18.94 -24.37
N PRO D 61 8.11 -17.86 -24.90
CA PRO D 61 7.56 -16.84 -24.01
C PRO D 61 6.42 -17.34 -23.13
N THR D 62 6.33 -16.83 -21.91
CA THR D 62 5.18 -17.10 -21.06
C THR D 62 4.09 -16.10 -21.41
N LEU D 63 2.86 -16.41 -20.99
CA LEU D 63 1.71 -15.57 -21.30
C LEU D 63 1.93 -14.11 -20.91
N GLU D 64 2.46 -13.91 -19.71
CA GLU D 64 2.75 -12.57 -19.21
C GLU D 64 3.78 -11.85 -20.07
N GLU D 65 4.87 -12.54 -20.40
CA GLU D 65 5.94 -11.95 -21.19
C GLU D 65 5.46 -11.63 -22.60
N TYR D 66 4.77 -12.59 -23.21
CA TYR D 66 4.17 -12.38 -24.51
C TYR D 66 3.35 -11.11 -24.44
N LEU D 67 2.30 -11.14 -23.64
CA LEU D 67 1.41 -10.00 -23.43
C LEU D 67 2.15 -8.67 -23.31
N LEU D 68 3.15 -8.66 -22.44
CA LEU D 68 3.93 -7.46 -22.18
C LEU D 68 4.77 -7.07 -23.39
N HIS D 69 5.21 -8.07 -24.16
CA HIS D 69 6.11 -7.83 -25.29
C HIS D 69 5.44 -8.10 -26.64
N MET D 70 4.18 -8.52 -26.65
CA MET D 70 3.49 -8.76 -27.90
C MET D 70 3.16 -7.41 -28.54
N LYS D 71 2.63 -7.44 -29.75
CA LYS D 71 2.44 -6.20 -30.50
C LYS D 71 1.20 -5.45 -30.04
N ARG D 72 1.07 -4.21 -30.53
CA ARG D 72 0.09 -3.27 -30.01
C ARG D 72 -0.90 -2.77 -31.05
N SER D 73 -2.11 -2.49 -30.58
CA SER D 73 -3.11 -1.77 -31.34
C SER D 73 -3.68 -0.71 -30.41
N ALA D 74 -4.23 -1.18 -29.30
CA ALA D 74 -4.57 -0.34 -28.16
C ALA D 74 -3.89 -0.95 -26.94
N THR D 75 -3.67 -0.16 -25.90
CA THR D 75 -2.89 -0.62 -24.76
C THR D 75 -3.55 -1.84 -24.11
N PRO D 76 -2.84 -2.98 -24.07
CA PRO D 76 -3.43 -4.21 -23.50
C PRO D 76 -3.70 -4.12 -22.00
N THR D 77 -4.72 -4.85 -21.54
CA THR D 77 -4.95 -5.04 -20.12
C THR D 77 -3.71 -5.69 -19.52
N ALA D 78 -3.19 -5.12 -18.44
CA ALA D 78 -1.94 -5.60 -17.86
C ALA D 78 -2.15 -6.96 -17.17
N PRO D 79 -1.07 -7.76 -17.04
CA PRO D 79 -1.17 -9.14 -16.54
C PRO D 79 -1.59 -9.29 -15.08
N LYS D 80 -1.21 -8.37 -14.21
CA LYS D 80 -1.53 -8.49 -12.78
C LYS D 80 -3.03 -8.60 -12.58
N ASP D 81 -3.78 -7.85 -13.38
CA ASP D 81 -5.23 -7.78 -13.25
C ASP D 81 -5.92 -8.95 -13.96
N ALA D 82 -5.43 -9.29 -15.14
CA ALA D 82 -5.99 -10.40 -15.92
C ALA D 82 -5.93 -11.70 -15.13
N SER D 83 -4.82 -11.91 -14.45
CA SER D 83 -4.68 -13.04 -13.53
C SER D 83 -5.79 -13.03 -12.49
N ALA D 84 -6.01 -11.86 -11.91
CA ALA D 84 -7.02 -11.69 -10.89
C ALA D 84 -8.43 -11.77 -11.48
N MET D 85 -8.61 -11.18 -12.65
CA MET D 85 -9.92 -11.08 -13.29
C MET D 85 -10.52 -12.45 -13.60
N VAL D 86 -9.67 -13.38 -14.03
CA VAL D 86 -10.12 -14.74 -14.30
C VAL D 86 -10.70 -15.34 -13.03
N THR D 87 -10.08 -15.04 -11.90
CA THR D 87 -10.55 -15.53 -10.61
C THR D 87 -11.81 -14.77 -10.19
N LEU D 88 -11.89 -13.50 -10.58
CA LEU D 88 -13.05 -12.68 -10.24
C LEU D 88 -14.30 -13.15 -11.00
N LEU D 89 -14.08 -13.69 -12.19
CA LEU D 89 -15.15 -14.22 -13.01
C LEU D 89 -15.43 -15.69 -12.71
N ASP D 90 -14.56 -16.29 -11.90
CA ASP D 90 -14.69 -17.69 -11.51
C ASP D 90 -14.66 -18.62 -12.72
N LEU D 91 -13.91 -18.24 -13.74
CA LEU D 91 -13.82 -19.02 -14.97
C LEU D 91 -13.22 -20.40 -14.73
N ALA D 92 -13.94 -21.41 -15.20
CA ALA D 92 -13.49 -22.80 -15.09
C ALA D 92 -13.51 -23.41 -16.50
N PRO D 93 -12.92 -24.61 -16.66
CA PRO D 93 -12.87 -25.18 -18.02
C PRO D 93 -14.24 -25.63 -18.52
N GLY D 94 -14.64 -25.16 -19.69
CA GLY D 94 -15.90 -25.52 -20.29
C GLY D 94 -16.95 -24.42 -20.18
N MET D 95 -16.51 -23.23 -19.78
CA MET D 95 -17.43 -22.11 -19.59
C MET D 95 -17.51 -21.22 -20.82
N ARG D 96 -18.58 -20.44 -20.86
CA ARG D 96 -18.88 -19.57 -22.00
C ARG D 96 -18.83 -18.12 -21.55
N VAL D 97 -17.74 -17.42 -21.87
CA VAL D 97 -17.54 -16.07 -21.36
C VAL D 97 -17.65 -15.01 -22.45
N LEU D 98 -18.17 -13.85 -22.07
CA LEU D 98 -18.30 -12.72 -22.97
C LEU D 98 -17.14 -11.76 -22.75
N GLU D 99 -16.81 -10.96 -23.76
CA GLU D 99 -15.69 -10.04 -23.65
C GLU D 99 -15.81 -8.83 -24.56
N ALA D 100 -15.39 -7.67 -24.06
CA ALA D 100 -15.28 -6.48 -24.87
C ALA D 100 -14.47 -5.40 -24.12
N GLY D 101 -13.53 -4.72 -24.79
CA GLY D 101 -13.11 -4.97 -26.16
C GLY D 101 -11.86 -5.82 -26.17
N THR D 102 -11.34 -6.11 -27.36
CA THR D 102 -10.14 -6.96 -27.47
C THR D 102 -8.85 -6.16 -27.50
N GLY D 103 -8.91 -4.96 -28.06
CA GLY D 103 -7.71 -4.14 -28.20
C GLY D 103 -6.62 -4.89 -28.93
N SER D 104 -5.64 -5.39 -28.18
CA SER D 104 -4.51 -6.12 -28.76
C SER D 104 -4.65 -7.62 -28.56
N GLY D 105 -5.69 -8.04 -27.84
CA GLY D 105 -5.99 -9.45 -27.65
C GLY D 105 -5.39 -10.00 -26.37
N GLY D 106 -5.02 -9.10 -25.46
CA GLY D 106 -4.37 -9.49 -24.22
C GLY D 106 -5.30 -10.18 -23.24
N LEU D 107 -6.51 -9.65 -23.11
CA LEU D 107 -7.48 -10.21 -22.17
C LEU D 107 -8.02 -11.53 -22.71
N THR D 108 -8.21 -11.60 -24.02
CA THR D 108 -8.71 -12.81 -24.66
C THR D 108 -7.88 -14.03 -24.29
N LEU D 109 -6.56 -13.89 -24.39
CA LEU D 109 -5.66 -14.99 -24.11
C LEU D 109 -5.82 -15.52 -22.70
N PHE D 110 -5.84 -14.63 -21.72
CA PHE D 110 -6.03 -15.04 -20.33
C PHE D 110 -7.39 -15.73 -20.14
N LEU D 111 -8.40 -15.24 -20.86
CA LEU D 111 -9.72 -15.84 -20.83
C LEU D 111 -9.75 -17.16 -21.58
N ALA D 112 -9.25 -17.14 -22.81
CA ALA D 112 -9.26 -18.31 -23.69
C ALA D 112 -8.50 -19.47 -23.08
N ARG D 113 -7.38 -19.17 -22.44
CA ARG D 113 -6.62 -20.21 -21.74
C ARG D 113 -7.42 -20.80 -20.60
N ALA D 114 -8.29 -19.99 -20.02
CA ALA D 114 -8.97 -20.34 -18.78
C ALA D 114 -10.23 -21.19 -19.00
N VAL D 115 -10.99 -20.90 -20.05
CA VAL D 115 -12.25 -21.60 -20.29
C VAL D 115 -12.06 -22.96 -20.96
N GLY D 116 -10.89 -23.17 -21.58
CA GLY D 116 -10.58 -24.47 -22.14
C GLY D 116 -10.94 -24.61 -23.61
N GLU D 117 -10.50 -25.71 -24.21
CA GLU D 117 -10.78 -25.98 -25.62
C GLU D 117 -12.27 -26.17 -25.86
N LYS D 118 -12.93 -26.84 -24.92
CA LYS D 118 -14.38 -27.02 -24.98
C LYS D 118 -15.08 -25.70 -24.73
N GLY D 119 -14.75 -25.06 -23.62
CA GLY D 119 -15.31 -23.77 -23.28
C GLY D 119 -15.02 -22.77 -24.39
N LEU D 120 -15.73 -21.64 -24.38
CA LEU D 120 -15.62 -20.66 -25.45
C LEU D 120 -15.55 -19.24 -24.92
N VAL D 121 -14.83 -18.40 -25.66
CA VAL D 121 -14.76 -16.97 -25.40
C VAL D 121 -15.35 -16.21 -26.58
N GLU D 122 -16.55 -15.68 -26.38
CA GLU D 122 -17.18 -14.81 -27.36
C GLU D 122 -16.73 -13.40 -27.07
N SER D 123 -16.03 -12.79 -28.03
CA SER D 123 -15.36 -11.52 -27.80
C SER D 123 -15.57 -10.53 -28.95
N TYR D 124 -15.96 -9.31 -28.59
CA TYR D 124 -16.30 -8.27 -29.56
C TYR D 124 -15.28 -7.13 -29.57
N GLU D 125 -15.27 -6.38 -30.68
CA GLU D 125 -14.39 -5.22 -30.83
C GLU D 125 -14.88 -4.31 -31.95
N ALA D 126 -14.93 -3.01 -31.68
CA ALA D 126 -15.54 -2.05 -32.62
C ALA D 126 -14.50 -1.24 -33.39
N ARG D 127 -13.21 -1.43 -33.08
CA ARG D 127 -12.14 -0.82 -33.85
C ARG D 127 -11.50 -1.89 -34.75
N PRO D 128 -11.62 -1.74 -36.09
CA PRO D 128 -11.19 -2.82 -36.99
C PRO D 128 -9.70 -3.18 -36.90
N HIS D 129 -8.81 -2.20 -36.95
CA HIS D 129 -7.38 -2.50 -36.88
C HIS D 129 -7.07 -3.21 -35.56
N HIS D 130 -7.78 -2.83 -34.52
CA HIS D 130 -7.52 -3.37 -33.19
C HIS D 130 -7.91 -4.85 -33.13
N LEU D 131 -9.09 -5.18 -33.64
CA LEU D 131 -9.53 -6.57 -33.66
C LEU D 131 -8.53 -7.48 -34.36
N ALA D 132 -7.94 -6.97 -35.45
CA ALA D 132 -6.97 -7.74 -36.20
C ALA D 132 -5.79 -8.17 -35.33
N GLN D 133 -5.05 -7.20 -34.80
CA GLN D 133 -3.88 -7.52 -33.97
C GLN D 133 -4.23 -8.52 -32.87
N ALA D 134 -5.39 -8.36 -32.27
CA ALA D 134 -5.89 -9.34 -31.32
C ALA D 134 -6.10 -10.67 -32.03
N GLU D 135 -6.64 -10.62 -33.24
CA GLU D 135 -6.77 -11.82 -34.06
C GLU D 135 -5.38 -12.41 -34.36
N ARG D 136 -4.44 -11.53 -34.70
CA ARG D 136 -3.10 -11.97 -35.08
C ARG D 136 -2.28 -12.40 -33.85
N ASN D 137 -2.38 -11.65 -32.77
CA ASN D 137 -1.59 -11.93 -31.57
C ASN D 137 -2.03 -13.20 -30.85
N VAL D 138 -3.34 -13.45 -30.84
CA VAL D 138 -3.87 -14.63 -30.16
C VAL D 138 -3.51 -15.90 -30.93
N ARG D 139 -3.59 -15.85 -32.25
CA ARG D 139 -3.37 -17.04 -33.08
C ARG D 139 -1.95 -17.56 -32.93
N ALA D 140 -1.00 -16.65 -32.73
CA ALA D 140 0.41 -17.01 -32.64
C ALA D 140 0.72 -17.76 -31.34
N PHE D 141 0.07 -17.34 -30.26
CA PHE D 141 0.31 -17.92 -28.93
C PHE D 141 -0.79 -18.92 -28.56
N TRP D 142 -1.98 -18.69 -29.10
CA TRP D 142 -3.14 -19.55 -28.88
C TRP D 142 -3.67 -20.06 -30.20
N GLN D 143 -3.16 -21.21 -30.63
CA GLN D 143 -3.57 -21.79 -31.91
C GLN D 143 -4.85 -22.62 -31.74
N VAL D 144 -5.32 -22.73 -30.50
CA VAL D 144 -6.60 -23.38 -30.23
C VAL D 144 -7.72 -22.42 -30.57
N GLU D 145 -8.65 -22.89 -31.39
CA GLU D 145 -9.78 -22.06 -31.83
C GLU D 145 -10.99 -22.25 -30.93
N ASN D 146 -10.92 -21.68 -29.73
CA ASN D 146 -12.04 -21.64 -28.80
C ASN D 146 -12.48 -20.21 -28.57
N VAL D 147 -12.12 -19.32 -29.50
CA VAL D 147 -12.42 -17.90 -29.39
C VAL D 147 -13.13 -17.42 -30.65
N ARG D 148 -14.39 -17.03 -30.50
CA ARG D 148 -15.15 -16.44 -31.59
C ARG D 148 -14.99 -14.92 -31.55
N PHE D 149 -14.65 -14.35 -32.70
CA PHE D 149 -14.40 -12.92 -32.81
C PHE D 149 -15.58 -12.20 -33.43
N HIS D 150 -15.76 -10.94 -33.06
CA HIS D 150 -16.86 -10.12 -33.56
C HIS D 150 -16.42 -8.69 -33.81
N LEU D 151 -16.86 -8.11 -34.92
CA LEU D 151 -16.61 -6.70 -35.21
C LEU D 151 -17.86 -5.90 -34.86
N GLY D 152 -17.65 -4.76 -34.21
CA GLY D 152 -18.74 -3.87 -33.83
C GLY D 152 -18.96 -3.79 -32.33
N LYS D 153 -19.77 -2.82 -31.92
CA LYS D 153 -20.08 -2.60 -30.50
C LYS D 153 -20.69 -3.84 -29.86
N LEU D 154 -20.38 -4.05 -28.59
CA LEU D 154 -21.00 -5.11 -27.79
C LEU D 154 -22.45 -4.75 -27.52
N GLU D 155 -22.73 -3.45 -27.56
CA GLU D 155 -24.04 -2.92 -27.21
C GLU D 155 -25.13 -3.52 -28.09
N GLU D 156 -24.77 -3.78 -29.36
CA GLU D 156 -25.73 -4.20 -30.37
C GLU D 156 -25.51 -5.67 -30.76
N ALA D 157 -24.81 -6.41 -29.90
CA ALA D 157 -24.58 -7.83 -30.14
C ALA D 157 -25.89 -8.62 -30.06
N GLU D 158 -25.98 -9.66 -30.89
CA GLU D 158 -27.09 -10.60 -30.83
C GLU D 158 -26.68 -11.80 -29.98
N LEU D 159 -27.06 -11.78 -28.70
CA LEU D 159 -26.63 -12.80 -27.74
C LEU D 159 -27.83 -13.51 -27.11
N GLU D 160 -27.54 -14.61 -26.42
CA GLU D 160 -28.58 -15.41 -25.77
C GLU D 160 -28.69 -15.12 -24.29
N GLU D 161 -29.92 -15.16 -23.80
CA GLU D 161 -30.22 -14.88 -22.40
C GLU D 161 -29.80 -16.02 -21.49
N ALA D 162 -29.03 -15.68 -20.46
CA ALA D 162 -28.58 -16.66 -19.46
C ALA D 162 -27.82 -17.83 -20.09
N ALA D 163 -26.94 -17.50 -21.04
CA ALA D 163 -26.10 -18.50 -21.70
C ALA D 163 -24.63 -18.28 -21.35
N TYR D 164 -24.34 -17.13 -20.73
CA TYR D 164 -22.96 -16.71 -20.49
C TYR D 164 -22.57 -16.82 -19.03
N ASP D 165 -21.39 -17.41 -18.80
CA ASP D 165 -20.92 -17.67 -17.44
C ASP D 165 -20.24 -16.46 -16.83
N GLY D 166 -19.86 -15.50 -17.67
CA GLY D 166 -19.21 -14.29 -17.21
C GLY D 166 -19.14 -13.23 -18.29
N VAL D 167 -18.98 -11.98 -17.89
CA VAL D 167 -18.68 -10.89 -18.83
C VAL D 167 -17.45 -10.16 -18.35
N ALA D 168 -16.35 -10.32 -19.09
CA ALA D 168 -15.12 -9.59 -18.80
C ALA D 168 -15.10 -8.30 -19.61
N LEU D 169 -15.07 -7.17 -18.92
CA LEU D 169 -15.11 -5.87 -19.59
C LEU D 169 -13.82 -5.09 -19.44
N ASP D 170 -13.41 -4.48 -20.54
CA ASP D 170 -12.31 -3.52 -20.54
C ASP D 170 -12.51 -2.49 -21.64
N LEU D 171 -13.19 -1.40 -21.30
CA LEU D 171 -13.36 -0.29 -22.23
C LEU D 171 -13.78 0.97 -21.49
N MET D 172 -13.91 2.08 -22.23
CA MET D 172 -14.01 3.40 -21.62
C MET D 172 -15.34 3.67 -20.92
N GLU D 173 -16.45 3.27 -21.53
CA GLU D 173 -17.77 3.46 -20.95
C GLU D 173 -18.50 2.13 -20.71
N PRO D 174 -18.14 1.41 -19.63
CA PRO D 174 -18.78 0.13 -19.28
C PRO D 174 -20.27 0.21 -18.99
N TRP D 175 -20.75 1.34 -18.50
CA TRP D 175 -22.16 1.48 -18.09
C TRP D 175 -23.13 1.26 -19.24
N LYS D 176 -22.63 1.35 -20.47
CA LYS D 176 -23.49 1.21 -21.64
C LYS D 176 -23.90 -0.23 -21.92
N VAL D 177 -22.99 -1.16 -21.63
CA VAL D 177 -23.22 -2.56 -21.98
C VAL D 177 -23.93 -3.30 -20.84
N LEU D 178 -24.39 -2.55 -19.84
CA LEU D 178 -24.95 -3.14 -18.63
C LEU D 178 -26.22 -3.93 -18.92
N GLU D 179 -27.09 -3.39 -19.75
CA GLU D 179 -28.33 -4.08 -20.10
C GLU D 179 -28.01 -5.28 -20.96
N LYS D 180 -27.14 -5.07 -21.95
CA LYS D 180 -26.75 -6.14 -22.86
C LYS D 180 -25.92 -7.22 -22.16
N ALA D 181 -25.22 -6.85 -21.10
CA ALA D 181 -24.47 -7.83 -20.34
C ALA D 181 -25.38 -8.55 -19.34
N ALA D 182 -26.35 -7.83 -18.79
CA ALA D 182 -27.26 -8.40 -17.79
C ALA D 182 -28.12 -9.49 -18.39
N LEU D 183 -28.56 -9.31 -19.63
CA LEU D 183 -29.35 -10.32 -20.30
C LEU D 183 -28.54 -11.60 -20.47
N ALA D 184 -27.28 -11.47 -20.87
CA ALA D 184 -26.46 -12.65 -21.17
C ALA D 184 -26.10 -13.41 -19.91
N LEU D 185 -25.85 -12.66 -18.84
CA LEU D 185 -25.31 -13.24 -17.62
C LEU D 185 -26.38 -14.01 -16.86
N LYS D 186 -25.92 -14.99 -16.08
CA LYS D 186 -26.81 -15.87 -15.33
C LYS D 186 -26.80 -15.51 -13.85
N PRO D 187 -27.82 -15.98 -13.11
CA PRO D 187 -27.88 -15.77 -11.66
C PRO D 187 -26.60 -16.16 -10.94
N ASP D 188 -26.14 -15.26 -10.07
CA ASP D 188 -24.99 -15.49 -9.22
C ASP D 188 -23.66 -15.54 -10.00
N ARG D 189 -23.69 -15.10 -11.26
CA ARG D 189 -22.47 -14.96 -12.04
C ARG D 189 -22.01 -13.50 -12.01
N PHE D 190 -20.82 -13.24 -12.56
CA PHE D 190 -20.21 -11.91 -12.45
C PHE D 190 -19.96 -11.22 -13.78
N LEU D 191 -19.99 -9.90 -13.71
CA LEU D 191 -19.36 -9.04 -14.70
C LEU D 191 -18.16 -8.41 -14.01
N VAL D 192 -16.99 -8.48 -14.62
CA VAL D 192 -15.82 -7.78 -14.11
C VAL D 192 -15.35 -6.75 -15.11
N ALA D 193 -15.21 -5.51 -14.64
CA ALA D 193 -14.80 -4.40 -15.49
C ALA D 193 -13.44 -3.84 -15.07
N TYR D 194 -12.69 -3.40 -16.06
CA TYR D 194 -11.32 -2.91 -15.89
C TYR D 194 -11.29 -1.39 -16.02
N LEU D 195 -11.30 -0.69 -14.88
CA LEU D 195 -11.46 0.76 -14.88
C LEU D 195 -10.27 1.52 -14.25
N PRO D 196 -9.59 2.35 -15.07
CA PRO D 196 -8.46 3.16 -14.60
C PRO D 196 -8.82 4.26 -13.60
N ASN D 197 -9.71 5.18 -13.99
CA ASN D 197 -10.11 6.27 -13.11
C ASN D 197 -11.13 5.81 -12.07
N ILE D 198 -11.07 6.40 -10.88
CA ILE D 198 -12.02 6.08 -9.81
C ILE D 198 -13.38 6.67 -10.19
N THR D 199 -13.38 7.70 -11.03
CA THR D 199 -14.62 8.36 -11.41
C THR D 199 -15.50 7.44 -12.25
N GLN D 200 -14.86 6.58 -13.04
CA GLN D 200 -15.58 5.64 -13.88
C GLN D 200 -16.16 4.52 -13.03
N VAL D 201 -15.42 4.14 -11.99
CA VAL D 201 -15.88 3.15 -11.02
C VAL D 201 -17.22 3.60 -10.43
N LEU D 202 -17.25 4.83 -9.94
CA LEU D 202 -18.43 5.37 -9.29
C LEU D 202 -19.55 5.63 -10.31
N GLU D 203 -19.16 5.89 -11.56
CA GLU D 203 -20.12 6.10 -12.64
C GLU D 203 -20.83 4.79 -12.97
N LEU D 204 -20.04 3.75 -13.17
CA LEU D 204 -20.55 2.42 -13.47
C LEU D 204 -21.35 1.84 -12.30
N VAL D 205 -20.84 2.07 -11.09
CA VAL D 205 -21.49 1.59 -9.87
C VAL D 205 -22.83 2.29 -9.71
N ARG D 206 -22.88 3.58 -10.02
CA ARG D 206 -24.12 4.34 -9.89
C ARG D 206 -25.15 3.87 -10.91
N ALA D 207 -24.72 3.63 -12.13
CA ALA D 207 -25.62 3.21 -13.19
C ALA D 207 -26.14 1.80 -12.96
N ALA D 208 -25.37 0.98 -12.25
CA ALA D 208 -25.75 -0.40 -11.96
C ALA D 208 -26.95 -0.48 -11.01
N GLU D 209 -27.47 0.67 -10.60
CA GLU D 209 -28.67 0.74 -9.79
C GLU D 209 -29.90 0.33 -10.59
N ALA D 210 -29.91 0.71 -11.87
CA ALA D 210 -31.05 0.44 -12.74
C ALA D 210 -31.06 -1.01 -13.22
N HIS D 211 -29.97 -1.73 -12.99
CA HIS D 211 -29.81 -3.08 -13.51
C HIS D 211 -29.67 -4.08 -12.36
N PRO D 212 -30.00 -5.35 -12.61
CA PRO D 212 -30.03 -6.36 -11.54
C PRO D 212 -28.65 -6.89 -11.17
N PHE D 213 -27.86 -6.07 -10.48
CA PHE D 213 -26.57 -6.50 -9.97
C PHE D 213 -26.38 -6.12 -8.51
N ARG D 214 -25.46 -6.84 -7.87
CA ARG D 214 -25.00 -6.50 -6.54
C ARG D 214 -23.51 -6.21 -6.61
N LEU D 215 -23.10 -5.02 -6.22
CA LEU D 215 -21.68 -4.70 -6.20
C LEU D 215 -21.00 -5.59 -5.18
N GLU D 216 -20.07 -6.42 -5.66
CA GLU D 216 -19.33 -7.33 -4.79
C GLU D 216 -18.01 -6.72 -4.39
N ARG D 217 -17.26 -6.22 -5.37
CA ARG D 217 -15.89 -5.78 -5.14
C ARG D 217 -15.47 -4.56 -5.94
N VAL D 218 -14.64 -3.74 -5.31
CA VAL D 218 -13.80 -2.77 -6.00
C VAL D 218 -12.41 -3.00 -5.44
N LEU D 219 -11.45 -3.33 -6.30
CA LEU D 219 -10.10 -3.63 -5.82
C LEU D 219 -8.97 -3.13 -6.71
N GLU D 220 -7.84 -2.86 -6.06
CA GLU D 220 -6.59 -2.55 -6.72
C GLU D 220 -5.68 -3.76 -6.59
N VAL D 221 -5.06 -4.15 -7.71
CA VAL D 221 -4.19 -5.32 -7.72
C VAL D 221 -2.73 -4.87 -7.66
N GLY D 222 -1.99 -5.40 -6.69
CA GLY D 222 -0.61 -4.99 -6.46
C GLY D 222 0.37 -6.15 -6.45
N TRP D 223 1.37 -6.06 -7.33
CA TRP D 223 2.48 -7.00 -7.34
C TRP D 223 3.78 -6.27 -7.00
N ARG D 224 4.10 -6.21 -5.72
CA ARG D 224 5.29 -5.50 -5.27
C ARG D 224 6.55 -6.28 -5.65
N GLU D 225 7.31 -5.74 -6.60
CA GLU D 225 8.48 -6.40 -7.15
C GLU D 225 9.76 -6.11 -6.37
N TRP D 226 10.80 -6.87 -6.68
CA TRP D 226 12.09 -6.74 -6.01
C TRP D 226 13.26 -6.80 -7.00
N GLU D 227 14.40 -6.29 -6.56
CA GLU D 227 15.67 -6.49 -7.27
C GLU D 227 16.58 -7.26 -6.33
N VAL D 228 16.74 -8.56 -6.59
CA VAL D 228 17.49 -9.43 -5.69
C VAL D 228 18.71 -10.03 -6.36
N ARG D 229 19.82 -9.30 -6.25
CA ARG D 229 21.15 -9.83 -6.53
C ARG D 229 21.83 -9.97 -5.17
N LEU D 230 21.33 -10.92 -4.39
CA LEU D 230 21.65 -11.05 -2.97
C LEU D 230 23.16 -11.04 -2.71
N PRO D 231 23.58 -10.61 -1.51
CA PRO D 231 22.82 -9.99 -0.41
C PRO D 231 22.37 -8.53 -0.61
N VAL D 232 21.98 -8.16 -1.83
CA VAL D 232 21.22 -6.93 -2.05
C VAL D 232 19.76 -7.31 -2.28
N ALA D 233 18.91 -6.96 -1.32
CA ALA D 233 17.49 -7.29 -1.39
C ALA D 233 16.64 -6.08 -1.00
N HIS D 234 15.91 -5.55 -1.97
CA HIS D 234 15.03 -4.42 -1.74
C HIS D 234 13.89 -4.44 -2.74
N PRO D 235 12.70 -3.99 -2.33
CA PRO D 235 11.64 -3.83 -3.33
C PRO D 235 12.09 -2.85 -4.41
N ARG D 236 11.64 -3.06 -5.64
CA ARG D 236 12.07 -2.24 -6.77
C ARG D 236 11.90 -0.75 -6.47
N PHE D 237 12.93 0.03 -6.76
CA PHE D 237 12.87 1.47 -6.59
C PHE D 237 11.92 2.08 -7.62
N GLN D 238 11.76 1.37 -8.74
CA GLN D 238 10.85 1.78 -9.80
C GLN D 238 9.74 0.75 -9.95
N GLN D 239 8.51 1.17 -9.68
CA GLN D 239 7.35 0.29 -9.81
C GLN D 239 6.23 0.98 -10.58
N VAL D 240 5.40 0.18 -11.23
CA VAL D 240 4.19 0.68 -11.86
C VAL D 240 3.14 0.80 -10.76
N GLY D 241 2.82 2.04 -10.41
CA GLY D 241 1.99 2.32 -9.24
C GLY D 241 0.55 1.91 -9.38
N HIS D 242 0.02 2.03 -10.59
CA HIS D 242 -1.40 1.80 -10.82
C HIS D 242 -1.68 1.59 -12.30
N THR D 243 -2.62 0.69 -12.60
CA THR D 243 -3.16 0.57 -13.95
C THR D 243 -4.65 0.85 -13.92
N ALA D 244 -5.37 0.10 -13.09
CA ALA D 244 -6.82 0.17 -13.08
C ALA D 244 -7.44 -0.56 -11.89
N PHE D 245 -8.59 -0.05 -11.46
CA PHE D 245 -9.41 -0.72 -10.45
C PHE D 245 -10.21 -1.82 -11.14
N LEU D 246 -10.54 -2.86 -10.38
CA LEU D 246 -11.41 -3.92 -10.89
C LEU D 246 -12.76 -3.87 -10.17
N VAL D 247 -13.83 -3.85 -10.96
CA VAL D 247 -15.18 -3.76 -10.41
C VAL D 247 -15.94 -5.05 -10.67
N ALA D 248 -16.36 -5.72 -9.59
CA ALA D 248 -17.08 -6.99 -9.69
C ALA D 248 -18.57 -6.82 -9.36
N LEU D 249 -19.41 -7.12 -10.33
CA LEU D 249 -20.86 -7.03 -10.19
C LEU D 249 -21.50 -8.41 -10.30
N ARG D 250 -22.30 -8.78 -9.29
CA ARG D 250 -22.94 -10.10 -9.28
C ARG D 250 -24.39 -10.04 -9.71
N ARG D 251 -24.74 -10.82 -10.72
CA ARG D 251 -26.11 -10.91 -11.18
C ARG D 251 -27.00 -11.57 -10.13
N TRP D 252 -28.26 -11.12 -10.08
CA TRP D 252 -29.31 -11.84 -9.37
C TRP D 252 -30.10 -12.60 -10.41
N LYS D 253 -31.28 -13.09 -10.04
CA LYS D 253 -32.23 -13.63 -11.01
C LYS D 253 -33.39 -12.64 -11.16
N ALA D 254 -33.58 -12.15 -12.38
CA ALA D 254 -34.65 -11.19 -12.65
C ALA D 254 -34.10 -9.91 -13.27
N SAM E . -7.51 15.08 13.76
CA SAM E . -8.43 15.58 14.79
C SAM E . -7.87 15.36 16.19
O SAM E . -8.59 15.46 17.18
OXT SAM E . -6.70 15.03 16.37
CB SAM E . -9.80 14.91 14.68
CG SAM E . -10.97 15.90 14.57
SD SAM E . -12.58 15.08 14.67
CE SAM E . -12.43 13.84 13.36
C5' SAM E . -13.66 16.31 13.89
C4' SAM E . -14.05 17.44 14.84
O4' SAM E . -14.18 18.64 14.12
C3' SAM E . -15.39 17.22 15.55
O3' SAM E . -15.16 16.85 16.89
C2' SAM E . -16.10 18.56 15.49
O2' SAM E . -16.25 19.11 16.79
C1' SAM E . -15.17 19.46 14.70
N9 SAM E . -15.85 20.20 13.61
C8 SAM E . -16.63 19.67 12.62
N7 SAM E . -17.04 20.69 11.83
C5 SAM E . -16.52 21.85 12.30
C6 SAM E . -16.62 23.16 11.87
N6 SAM E . -17.34 23.45 10.79
N1 SAM E . -15.97 24.16 12.56
C2 SAM E . -15.22 23.85 13.68
N3 SAM E . -15.13 22.53 14.10
C4 SAM E . -15.76 21.55 13.41
N SAM F . -1.32 -24.81 -1.01
CA SAM F . -2.04 -25.09 0.22
C SAM F . -3.48 -24.63 0.14
O SAM F . -4.38 -25.36 -0.31
OXT SAM F . -3.79 -23.49 0.53
CB SAM F . -1.32 -24.42 1.40
CG SAM F . -0.18 -25.25 1.96
SD SAM F . -0.84 -26.81 2.62
CE SAM F . -1.34 -26.27 4.25
C5' SAM F . 0.65 -27.78 2.95
C4' SAM F . 0.38 -28.88 3.99
O4' SAM F . 1.10 -30.06 3.65
C3' SAM F . 0.82 -28.47 5.39
O3' SAM F . -0.29 -28.12 6.18
C2' SAM F . 1.52 -29.68 5.97
O2' SAM F . 0.64 -30.36 6.83
C1' SAM F . 1.81 -30.56 4.76
N9 SAM F . 3.23 -30.57 4.38
C8 SAM F . 3.76 -29.84 3.36
N7 SAM F . 5.09 -30.09 3.28
C5 SAM F . 5.41 -30.97 4.26
C6 SAM F . 6.61 -31.55 4.63
N6 SAM F . 7.73 -31.26 3.98
N1 SAM F . 6.64 -32.44 5.69
C2 SAM F . 5.47 -32.74 6.37
N3 SAM F . 4.28 -32.15 6.00
C4 SAM F . 4.24 -31.29 4.96
S SO4 G . -18.03 -2.99 -1.83
O1 SO4 G . -18.10 -4.42 -1.31
O2 SO4 G . -17.23 -3.03 -3.13
O3 SO4 G . -19.35 -2.66 -2.21
O4 SO4 G . -17.22 -2.28 -0.90
N SAM H . 20.81 11.36 5.27
CA SAM H . 21.63 12.10 4.31
C SAM H . 20.84 13.24 3.65
O SAM H . 21.39 14.03 2.88
OXT SAM H . 19.65 13.39 3.88
CB SAM H . 22.21 11.17 3.25
CG SAM H . 23.34 10.24 3.69
SD SAM H . 24.55 10.08 2.36
CE SAM H . 23.78 8.80 1.33
C5' SAM H . 25.94 9.19 3.09
C4' SAM H . 26.97 10.14 3.67
O4' SAM H . 27.12 9.80 5.04
C3' SAM H . 28.35 10.05 3.03
O3' SAM H . 28.64 11.16 2.21
C2' SAM H . 29.32 10.00 4.20
O2' SAM H . 30.04 11.20 4.25
C1' SAM H . 28.46 9.92 5.46
N9 SAM H . 28.83 8.78 6.32
C8 SAM H . 28.83 7.45 5.97
N7 SAM H . 29.22 6.72 7.05
C5 SAM H . 29.46 7.56 8.07
C6 SAM H . 29.87 7.34 9.38
N6 SAM H . 30.10 6.10 9.80
N1 SAM H . 30.03 8.40 10.24
C2 SAM H . 29.79 9.69 9.79
N3 SAM H . 29.38 9.90 8.49
C4 SAM H . 29.21 8.85 7.64
N SAM I . -8.34 -5.87 -23.08
CA SAM I . -7.54 -5.78 -24.28
C SAM I . -6.17 -6.46 -24.16
O SAM I . -5.80 -6.99 -23.12
OXT SAM I . -5.40 -6.50 -25.14
CB SAM I . -7.36 -4.33 -24.75
CG SAM I . -8.33 -3.33 -24.16
SD SAM I . -8.59 -1.90 -25.25
CE SAM I . -8.18 -0.53 -24.17
C5' SAM I . -10.39 -1.77 -25.27
C4' SAM I . -10.96 -1.74 -26.67
O4' SAM I . -12.37 -1.81 -26.62
C3' SAM I . -10.64 -0.45 -27.42
O3' SAM I . -9.72 -0.74 -28.46
C2' SAM I . -11.95 0.02 -28.00
O2' SAM I . -11.83 0.23 -29.38
C1' SAM I . -12.91 -1.12 -27.72
N9 SAM I . -14.27 -0.69 -27.40
C8 SAM I . -14.68 0.49 -26.82
N7 SAM I . -16.03 0.46 -26.72
C5 SAM I . -16.48 -0.71 -27.23
C6 SAM I . -17.75 -1.25 -27.36
N6 SAM I . -18.83 -0.58 -26.96
N1 SAM I . -17.89 -2.51 -27.92
C2 SAM I . -16.78 -3.21 -28.35
N3 SAM I . -15.53 -2.67 -28.20
C4 SAM I . -15.38 -1.44 -27.65
#